data_9EJQ
#
_entry.id   9EJQ
#
_cell.length_a   62.640
_cell.length_b   124.700
_cell.length_c   167.716
_cell.angle_alpha   90.00
_cell.angle_beta   90.00
_cell.angle_gamma   90.00
#
_symmetry.space_group_name_H-M   'P 21 21 21'
#
loop_
_entity.id
_entity.type
_entity.pdbx_description
1 polymer 'DNA damage-binding protein 1'
2 non-polymer 'L(+)-TARTARIC ACID'
3 non-polymer GLYCEROL
4 non-polymer (4S)-4-(3-ethoxyphenyl)-3-methyl-1-[(4R)-[1,2,4]triazolo[4,3-b]pyridazin-6-yl]-1,4,5,7-tetrahydro-6H-pyrazolo[3,4-b]pyridin-6-one
5 non-polymer 1,2-ETHANEDIOL
6 non-polymer 'SULFATE ION'
7 non-polymer 'UNKNOWN ATOM OR ION'
8 water water
#
_entity_poly.entity_id   1
_entity_poly.type   'polypeptide(L)'
_entity_poly.pdbx_seq_one_letter_code
;GSMSYNYVVTAQKPTAVNGCVTGHFTSAEDLNLLIAKNTRLEIYVVTAEGLRPVKEVGMYGKIAVMELFRPKGESKDLLF
ILTAKYNACILEYKQSGESIDIITRAHGNVQDRIGRPSETGIIGIIDPECRMIGLRLYDGLFKVIPLDRDNKELKAFNIR
LEELHVIDVKFLYGCQAPTICFVYQDPQGRHVKTYEVSLREKEFNKGPWKQENVEAEASMVIAVPEPFGGAIIIGQESIT
YHNGDKYLAIAPPIIKQSTIVCHNRVDPNGSRYLLGDMEGRLFMLLLEKEEQMDGTVTLKDLRVELLGETSIAECLTYLD
NGVVFVGSRLGDSQLVKLNVDSNEQGSYVVAMETFTNLGPIVDMCVVDLERQGQGQLVTCSGAFKEGSLRIIRNGIGIHE
HASIDLPGIKGLWPLRSDPQRETDDTLVLSFVGQTRVLMLNGEEVEETELMGFVDDQQTFFCGNVAHQQLIQITSASVRL
VSQEPKALVSEWKEPQAKNISVASCNSSQVVVAVGRALYYLQIHPQELRQISHTEMEHEVACLDITPLGDSNGLSPLCAI
GLWTDISARILKLPSFELLHKEMLGGEIIPRSILMTTFESSHYLLCALGDGALFYFGLNIETGLLSDRKKVTLGTQPTVL
RTFRSLSTTNVFACSDRPTVIYSSNHKLVFSNVNLKEVNYMCPLNSDGYPDSLALANNSTLTIGTIDEIQKLHIRTVPLY
ESPRKICYQEVSQCFGVLSSRIEVQDTSGGTTALRPSASTQALSSSVSSSKLFSSSTAPHETSFGEEVEVHNLLIIDQHT
FEVLHAHQFLQNEYALSLVSCKLGKDPNTYFIVGTAMVYPEEAEPKQGRIVVFQYSDGKLQTVAEKEVKGAVYSMVEFNG
KLLASINSTVRLYEWTTEKELRTECNHYNNIMALYLKTKGDFILVGDLMRSVLLLAYKPMEGNFEEIARDFNPNWMSAVE
ILDDDNFLGAENAFNLFVCQKDSAATTDEERQHLQEVGLFHLGEFVNVFCHGSLVMQNLGETSTPTQGSVLFGTVNGMIG
LVTSLSESWYNLLLDMQNRLNKVIKSVGKIEHSFWRSFHTERKTEPATGFIDGDLIESFLDISRPKMQEVVANLQYDDGS
GMKREATADDLIKVVEELTRIH
;
_entity_poly.pdbx_strand_id   A
#
# COMPACT_ATOMS: atom_id res chain seq x y z
N SER A 2 -5.12 19.29 -27.75
CA SER A 2 -5.49 18.17 -26.84
C SER A 2 -4.52 17.00 -26.97
N MET A 3 -3.41 17.18 -27.70
CA MET A 3 -2.56 16.09 -28.15
C MET A 3 -1.68 15.52 -27.01
N SER A 4 -2.08 15.78 -25.74
CA SER A 4 -1.48 15.09 -24.60
C SER A 4 -2.44 14.02 -24.10
N TYR A 5 -1.95 12.77 -24.08
CA TYR A 5 -2.68 11.66 -23.52
C TYR A 5 -1.83 11.01 -22.44
N ASN A 6 -2.41 10.84 -21.27
CA ASN A 6 -1.64 10.36 -20.14
C ASN A 6 -2.34 9.17 -19.52
N TYR A 7 -1.53 8.39 -18.81
CA TYR A 7 -1.95 7.19 -18.11
C TYR A 7 -1.39 7.25 -16.70
N VAL A 8 -2.26 7.04 -15.70
N VAL A 8 -2.28 7.05 -15.71
CA VAL A 8 -1.83 7.09 -14.31
CA VAL A 8 -1.88 7.10 -14.30
C VAL A 8 -2.23 5.79 -13.64
C VAL A 8 -2.23 5.76 -13.68
N VAL A 9 -1.29 5.19 -12.91
CA VAL A 9 -1.51 3.90 -12.28
C VAL A 9 -0.83 3.90 -10.92
N THR A 10 -1.38 3.08 -10.00
CA THR A 10 -0.85 2.90 -8.66
C THR A 10 0.33 1.93 -8.69
N ALA A 11 1.44 2.34 -8.09
CA ALA A 11 2.57 1.45 -7.88
C ALA A 11 2.56 0.87 -6.47
N GLN A 12 2.22 1.72 -5.50
CA GLN A 12 2.03 1.31 -4.12
C GLN A 12 0.73 1.93 -3.62
N LYS A 13 -0.20 1.08 -3.18
CA LYS A 13 -1.46 1.58 -2.65
C LYS A 13 -1.21 2.43 -1.41
N PRO A 14 -2.11 3.37 -1.05
CA PRO A 14 -1.92 4.15 0.18
C PRO A 14 -1.77 3.25 1.40
N THR A 15 -0.85 3.62 2.29
CA THR A 15 -0.50 2.83 3.47
C THR A 15 -0.99 3.50 4.76
N ALA A 16 -1.27 4.80 4.70
CA ALA A 16 -1.69 5.52 5.90
C ALA A 16 -3.08 5.03 6.33
N VAL A 17 -3.32 5.00 7.64
CA VAL A 17 -4.65 4.66 8.13
C VAL A 17 -5.42 5.94 8.43
N ASN A 18 -6.58 6.09 7.77
CA ASN A 18 -7.38 7.32 7.87
C ASN A 18 -8.55 7.11 8.85
N GLY A 19 -8.86 5.85 9.16
CA GLY A 19 -9.88 5.56 10.15
C GLY A 19 -10.01 4.06 10.41
N CYS A 20 -10.62 3.70 11.55
N CYS A 20 -10.66 3.75 11.52
CA CYS A 20 -10.74 2.30 11.93
CA CYS A 20 -10.91 2.38 11.91
C CYS A 20 -11.98 2.10 12.83
C CYS A 20 -12.27 2.27 12.57
N VAL A 21 -12.80 1.06 12.55
CA VAL A 21 -13.96 0.73 13.39
C VAL A 21 -13.98 -0.78 13.64
N THR A 22 -14.60 -1.18 14.76
CA THR A 22 -14.87 -2.58 15.04
C THR A 22 -16.38 -2.80 15.10
N GLY A 23 -16.76 -4.04 14.86
CA GLY A 23 -18.12 -4.49 15.07
C GLY A 23 -18.30 -5.89 14.49
N HIS A 24 -19.54 -6.17 14.03
CA HIS A 24 -19.93 -7.49 13.60
C HIS A 24 -20.57 -7.37 12.22
N PHE A 25 -19.71 -7.31 11.21
CA PHE A 25 -20.11 -6.94 9.86
C PHE A 25 -20.19 -8.19 8.99
N THR A 26 -19.17 -9.06 9.08
CA THR A 26 -19.11 -10.25 8.24
C THR A 26 -20.08 -11.32 8.77
N SER A 27 -20.24 -11.41 10.09
CA SER A 27 -21.31 -12.19 10.69
C SER A 27 -21.60 -11.65 12.08
N ALA A 28 -22.76 -12.01 12.62
CA ALA A 28 -23.11 -11.66 13.99
C ALA A 28 -22.04 -12.13 14.97
N GLU A 29 -21.38 -13.26 14.67
CA GLU A 29 -20.51 -13.89 15.66
C GLU A 29 -19.06 -13.46 15.49
N ASP A 30 -18.70 -12.91 14.33
CA ASP A 30 -17.33 -12.47 14.10
C ASP A 30 -17.09 -11.11 14.73
N LEU A 31 -15.88 -10.89 15.27
CA LEU A 31 -15.43 -9.54 15.60
C LEU A 31 -14.56 -9.05 14.43
N ASN A 32 -15.00 -7.95 13.82
CA ASN A 32 -14.29 -7.38 12.69
C ASN A 32 -13.51 -6.13 13.08
N LEU A 33 -12.39 -5.94 12.40
CA LEU A 33 -11.71 -4.65 12.31
C LEU A 33 -11.85 -4.19 10.88
N LEU A 34 -12.35 -2.96 10.70
CA LEU A 34 -12.39 -2.33 9.40
C LEU A 34 -11.41 -1.17 9.38
N ILE A 35 -10.57 -1.10 8.32
CA ILE A 35 -9.58 -0.05 8.20
C ILE A 35 -9.83 0.73 6.93
N ALA A 36 -9.85 2.05 7.03
CA ALA A 36 -9.94 2.90 5.84
C ALA A 36 -8.56 3.44 5.51
N LYS A 37 -8.11 3.16 4.28
CA LYS A 37 -6.89 3.69 3.74
C LYS A 37 -7.25 4.44 2.47
N ASN A 38 -7.72 5.68 2.67
CA ASN A 38 -8.16 6.56 1.60
C ASN A 38 -9.36 5.96 0.86
N THR A 39 -9.16 5.40 -0.34
CA THR A 39 -10.27 4.87 -1.11
C THR A 39 -10.46 3.37 -0.84
N ARG A 40 -9.64 2.79 0.03
CA ARG A 40 -9.72 1.35 0.29
C ARG A 40 -10.32 1.07 1.66
N LEU A 41 -11.21 0.07 1.70
CA LEU A 41 -11.71 -0.50 2.94
C LEU A 41 -11.12 -1.88 3.11
N GLU A 42 -10.40 -2.11 4.21
CA GLU A 42 -9.88 -3.44 4.55
C GLU A 42 -10.70 -4.05 5.69
N ILE A 43 -11.17 -5.28 5.47
CA ILE A 43 -11.99 -6.01 6.42
C ILE A 43 -11.20 -7.22 6.95
N TYR A 44 -11.14 -7.30 8.29
CA TYR A 44 -10.47 -8.37 9.00
C TYR A 44 -11.44 -9.01 10.00
N VAL A 45 -11.17 -10.29 10.29
CA VAL A 45 -11.71 -10.95 11.46
C VAL A 45 -10.62 -11.02 12.52
N VAL A 46 -10.97 -10.61 13.74
CA VAL A 46 -10.06 -10.69 14.88
C VAL A 46 -10.09 -12.12 15.41
N THR A 47 -8.89 -12.70 15.56
CA THR A 47 -8.72 -14.07 16.05
C THR A 47 -7.66 -14.02 17.14
N ALA A 48 -7.45 -15.15 17.83
CA ALA A 48 -6.37 -15.29 18.80
C ALA A 48 -5.03 -15.27 18.06
N GLU A 49 -5.04 -15.70 16.80
CA GLU A 49 -3.87 -15.71 15.95
C GLU A 49 -3.50 -14.26 15.57
N GLY A 50 -4.53 -13.43 15.38
CA GLY A 50 -4.32 -12.02 15.09
C GLY A 50 -5.43 -11.46 14.21
N LEU A 51 -5.06 -10.80 13.12
CA LEU A 51 -6.03 -10.31 12.15
C LEU A 51 -6.02 -11.23 10.95
N ARG A 52 -7.19 -11.79 10.61
CA ARG A 52 -7.35 -12.58 9.40
C ARG A 52 -8.00 -11.72 8.33
N PRO A 53 -7.31 -11.46 7.19
CA PRO A 53 -7.90 -10.66 6.12
C PRO A 53 -9.08 -11.38 5.48
N VAL A 54 -10.19 -10.68 5.28
CA VAL A 54 -11.38 -11.24 4.67
C VAL A 54 -11.53 -10.71 3.25
N LYS A 55 -11.57 -9.39 3.16
CA LYS A 55 -11.96 -8.71 1.94
C LYS A 55 -11.40 -7.30 1.95
N GLU A 56 -10.81 -6.91 0.83
CA GLU A 56 -10.47 -5.52 0.62
C GLU A 56 -11.36 -4.99 -0.49
N VAL A 57 -12.00 -3.85 -0.24
CA VAL A 57 -12.90 -3.27 -1.22
C VAL A 57 -12.43 -1.87 -1.53
N GLY A 58 -12.20 -1.63 -2.82
CA GLY A 58 -11.94 -0.31 -3.33
C GLY A 58 -13.27 0.39 -3.52
N MET A 59 -13.25 1.69 -3.28
CA MET A 59 -14.39 2.49 -3.63
C MET A 59 -13.95 3.62 -4.52
N TYR A 60 -14.90 4.09 -5.34
CA TYR A 60 -14.66 5.23 -6.20
C TYR A 60 -14.90 6.52 -5.41
N GLY A 61 -14.09 6.70 -4.36
CA GLY A 61 -14.15 7.88 -3.53
C GLY A 61 -13.19 7.79 -2.36
N LYS A 62 -12.84 8.94 -1.81
CA LYS A 62 -12.08 9.00 -0.58
C LYS A 62 -13.06 8.80 0.59
N ILE A 63 -12.75 7.84 1.48
CA ILE A 63 -13.66 7.53 2.59
C ILE A 63 -13.50 8.58 3.69
N ALA A 64 -14.59 9.33 3.94
CA ALA A 64 -14.58 10.44 4.89
C ALA A 64 -15.29 10.04 6.19
N VAL A 65 -16.30 9.17 6.05
CA VAL A 65 -17.04 8.62 7.18
C VAL A 65 -17.14 7.11 6.98
N MET A 66 -16.96 6.38 8.08
CA MET A 66 -17.06 4.93 8.09
C MET A 66 -17.56 4.49 9.46
N GLU A 67 -18.82 4.01 9.52
CA GLU A 67 -19.42 3.64 10.79
C GLU A 67 -20.31 2.42 10.60
N LEU A 68 -20.22 1.46 11.55
CA LEU A 68 -21.11 0.31 11.60
C LEU A 68 -22.30 0.63 12.48
N PHE A 69 -23.45 0.03 12.17
CA PHE A 69 -24.68 0.27 12.90
C PHE A 69 -25.63 -0.90 12.63
N ARG A 70 -26.61 -1.13 13.50
CA ARG A 70 -27.45 -2.32 13.32
C ARG A 70 -28.92 -1.98 13.52
N PRO A 71 -29.65 -1.66 12.44
CA PRO A 71 -31.10 -1.45 12.51
C PRO A 71 -31.85 -2.64 13.12
N LYS A 72 -32.99 -2.36 13.74
CA LYS A 72 -33.89 -3.43 14.17
C LYS A 72 -34.20 -4.33 12.98
N GLY A 73 -34.11 -5.64 13.19
CA GLY A 73 -34.46 -6.62 12.16
C GLY A 73 -33.25 -7.08 11.35
N GLU A 74 -32.11 -6.39 11.44
CA GLU A 74 -30.91 -6.83 10.74
C GLU A 74 -30.18 -7.84 11.61
N SER A 75 -29.69 -8.92 11.02
CA SER A 75 -29.05 -10.01 11.76
C SER A 75 -27.60 -9.66 12.10
N LYS A 76 -27.02 -8.69 11.37
CA LYS A 76 -25.67 -8.25 11.62
C LYS A 76 -25.53 -6.79 11.22
N ASP A 77 -24.37 -6.20 11.50
CA ASP A 77 -24.16 -4.77 11.31
C ASP A 77 -24.18 -4.44 9.82
N LEU A 78 -24.72 -3.25 9.51
CA LEU A 78 -24.52 -2.60 8.21
C LEU A 78 -23.43 -1.54 8.33
N LEU A 79 -22.93 -1.08 7.18
CA LEU A 79 -21.83 -0.14 7.14
C LEU A 79 -22.30 1.12 6.42
N PHE A 80 -22.15 2.27 7.07
CA PHE A 80 -22.38 3.55 6.42
C PHE A 80 -21.05 4.11 5.95
N ILE A 81 -20.98 4.53 4.66
CA ILE A 81 -19.82 5.21 4.13
C ILE A 81 -20.26 6.55 3.53
N LEU A 82 -19.49 7.61 3.80
CA LEU A 82 -19.61 8.84 3.06
C LEU A 82 -18.26 9.14 2.43
N THR A 83 -18.25 9.50 1.15
CA THR A 83 -17.00 9.90 0.50
C THR A 83 -16.82 11.41 0.60
N ALA A 84 -15.62 11.87 0.26
CA ALA A 84 -15.28 13.29 0.28
C ALA A 84 -16.07 14.07 -0.78
N LYS A 85 -16.55 13.38 -1.83
CA LYS A 85 -17.43 13.99 -2.83
C LYS A 85 -18.91 13.76 -2.50
N TYR A 86 -19.20 13.38 -1.24
CA TYR A 86 -20.54 13.40 -0.67
C TYR A 86 -21.37 12.22 -1.17
N ASN A 87 -20.73 11.15 -1.66
CA ASN A 87 -21.41 9.91 -1.96
C ASN A 87 -21.70 9.16 -0.65
N ALA A 88 -22.99 8.98 -0.35
CA ALA A 88 -23.42 8.25 0.83
C ALA A 88 -23.89 6.85 0.39
N CYS A 89 -23.58 5.85 1.22
CA CYS A 89 -24.14 4.54 1.01
C CYS A 89 -24.24 3.77 2.32
N ILE A 90 -25.13 2.79 2.29
CA ILE A 90 -25.26 1.79 3.32
C ILE A 90 -24.93 0.45 2.66
N LEU A 91 -23.95 -0.26 3.22
CA LEU A 91 -23.49 -1.53 2.68
C LEU A 91 -23.75 -2.72 3.62
N GLU A 92 -23.89 -3.89 2.99
CA GLU A 92 -24.07 -5.17 3.66
C GLU A 92 -23.02 -6.16 3.15
N TYR A 93 -22.42 -6.92 4.06
CA TYR A 93 -21.53 -8.00 3.70
C TYR A 93 -22.33 -9.28 3.43
N LYS A 94 -22.15 -9.86 2.23
CA LYS A 94 -22.82 -11.10 1.86
C LYS A 94 -21.78 -12.11 1.32
N GLN A 95 -21.67 -13.24 2.00
CA GLN A 95 -20.75 -14.29 1.62
C GLN A 95 -21.57 -15.54 1.30
N SER A 96 -21.47 -16.03 0.05
CA SER A 96 -22.12 -17.28 -0.35
C SER A 96 -21.06 -18.21 -0.94
N GLY A 97 -20.69 -19.23 -0.16
CA GLY A 97 -19.55 -20.07 -0.48
C GLY A 97 -18.26 -19.26 -0.40
N GLU A 98 -17.47 -19.30 -1.48
CA GLU A 98 -16.22 -18.54 -1.58
C GLU A 98 -16.48 -17.15 -2.18
N SER A 99 -17.68 -16.92 -2.71
CA SER A 99 -18.01 -15.65 -3.31
C SER A 99 -18.37 -14.63 -2.21
N ILE A 100 -17.65 -13.50 -2.19
CA ILE A 100 -17.90 -12.44 -1.23
C ILE A 100 -18.41 -11.24 -2.00
N ASP A 101 -19.58 -10.71 -1.60
CA ASP A 101 -20.17 -9.55 -2.24
C ASP A 101 -20.55 -8.49 -1.21
N ILE A 102 -20.18 -7.23 -1.50
CA ILE A 102 -20.62 -6.08 -0.73
C ILE A 102 -21.79 -5.47 -1.47
N ILE A 103 -22.98 -5.58 -0.88
CA ILE A 103 -24.15 -5.12 -1.61
C ILE A 103 -24.57 -3.75 -1.07
N THR A 104 -25.09 -2.93 -1.99
CA THR A 104 -25.47 -1.56 -1.68
C THR A 104 -26.95 -1.59 -1.30
N ARG A 105 -27.24 -1.34 -0.03
CA ARG A 105 -28.62 -1.34 0.44
C ARG A 105 -29.30 -0.02 0.10
N ALA A 106 -28.53 1.07 0.16
CA ALA A 106 -29.04 2.41 -0.11
C ALA A 106 -27.89 3.28 -0.59
N HIS A 107 -28.18 4.29 -1.41
CA HIS A 107 -27.13 5.20 -1.84
C HIS A 107 -27.73 6.51 -2.31
N GLY A 108 -26.96 7.58 -2.18
CA GLY A 108 -27.31 8.85 -2.79
C GLY A 108 -26.25 9.91 -2.48
N ASN A 109 -26.27 11.00 -3.25
CA ASN A 109 -25.31 12.06 -3.04
C ASN A 109 -25.93 13.17 -2.21
N VAL A 110 -25.22 13.63 -1.17
CA VAL A 110 -25.80 14.55 -0.20
C VAL A 110 -25.10 15.92 -0.25
N GLN A 111 -24.39 16.22 -1.34
CA GLN A 111 -23.79 17.55 -1.52
C GLN A 111 -24.90 18.60 -1.60
N ASP A 112 -24.68 19.77 -0.95
CA ASP A 112 -25.55 20.93 -1.10
C ASP A 112 -24.96 21.88 -2.14
N ARG A 113 -25.77 22.82 -2.61
CA ARG A 113 -25.34 23.75 -3.65
C ARG A 113 -24.53 24.90 -3.08
N ILE A 114 -24.84 25.24 -1.83
CA ILE A 114 -24.21 26.31 -1.06
C ILE A 114 -23.68 25.72 0.24
N GLY A 115 -22.46 26.13 0.63
CA GLY A 115 -21.97 25.84 1.97
C GLY A 115 -20.46 25.95 2.06
N ARG A 116 -19.99 26.33 3.26
CA ARG A 116 -18.58 26.40 3.56
C ARG A 116 -18.15 25.16 4.35
N PRO A 117 -17.26 24.31 3.78
CA PRO A 117 -16.71 23.17 4.54
C PRO A 117 -16.09 23.61 5.86
N SER A 118 -16.35 22.84 6.91
CA SER A 118 -16.02 23.25 8.28
C SER A 118 -14.54 22.99 8.55
N GLU A 119 -13.95 23.75 9.51
CA GLU A 119 -12.53 23.67 9.81
C GLU A 119 -12.15 22.28 10.29
N THR A 120 -12.98 21.65 11.14
CA THR A 120 -12.63 20.33 11.65
C THR A 120 -13.20 19.21 10.78
N GLY A 121 -13.69 19.55 9.55
CA GLY A 121 -13.95 18.56 8.51
C GLY A 121 -15.34 17.90 8.57
N ILE A 122 -15.59 16.99 7.61
CA ILE A 122 -16.83 16.23 7.59
C ILE A 122 -16.90 15.37 8.84
N ILE A 123 -18.06 15.45 9.53
CA ILE A 123 -18.38 14.55 10.64
C ILE A 123 -19.67 13.83 10.29
N GLY A 124 -19.64 12.51 10.46
CA GLY A 124 -20.82 11.67 10.27
C GLY A 124 -21.05 10.83 11.53
N ILE A 125 -22.27 10.90 12.06
CA ILE A 125 -22.59 10.21 13.31
C ILE A 125 -23.92 9.49 13.13
N ILE A 126 -24.09 8.41 13.88
CA ILE A 126 -25.33 7.63 13.83
C ILE A 126 -25.84 7.50 15.25
N ASP A 127 -27.14 7.74 15.40
N ASP A 127 -27.13 7.78 15.45
CA ASP A 127 -27.84 7.64 16.66
CA ASP A 127 -27.70 7.73 16.78
C ASP A 127 -27.75 6.21 17.20
C ASP A 127 -27.79 6.26 17.22
N PRO A 128 -27.61 6.00 18.54
CA PRO A 128 -27.59 4.64 19.09
C PRO A 128 -28.76 3.77 18.71
N GLU A 129 -29.92 4.40 18.53
CA GLU A 129 -31.13 3.65 18.22
C GLU A 129 -31.36 3.57 16.72
N CYS A 130 -30.42 4.06 15.91
CA CYS A 130 -30.49 3.95 14.46
C CYS A 130 -31.73 4.65 13.90
N ARG A 131 -32.10 5.81 14.47
CA ARG A 131 -33.22 6.58 13.98
C ARG A 131 -32.77 7.47 12.81
N MET A 132 -31.48 7.82 12.75
CA MET A 132 -30.99 8.75 11.75
C MET A 132 -29.45 8.73 11.67
N ILE A 133 -28.97 9.24 10.55
CA ILE A 133 -27.57 9.59 10.36
C ILE A 133 -27.50 11.12 10.33
N GLY A 134 -26.53 11.65 11.08
CA GLY A 134 -26.26 13.07 11.14
C GLY A 134 -24.94 13.40 10.46
N LEU A 135 -24.95 14.44 9.63
CA LEU A 135 -23.76 14.87 8.92
C LEU A 135 -23.52 16.36 9.17
N ARG A 136 -22.30 16.68 9.59
CA ARG A 136 -21.82 18.05 9.62
C ARG A 136 -20.88 18.22 8.42
N LEU A 137 -21.43 18.77 7.35
CA LEU A 137 -20.72 18.98 6.10
C LEU A 137 -20.20 20.42 6.02
N TYR A 138 -21.04 21.36 6.48
CA TYR A 138 -20.77 22.78 6.29
C TYR A 138 -21.10 23.55 7.57
N ASP A 139 -20.49 24.72 7.71
CA ASP A 139 -20.81 25.60 8.83
C ASP A 139 -22.28 25.99 8.76
N GLY A 140 -22.97 25.92 9.93
CA GLY A 140 -24.30 26.46 10.08
C GLY A 140 -25.42 25.52 9.63
N LEU A 141 -25.06 24.29 9.26
CA LEU A 141 -26.05 23.34 8.76
C LEU A 141 -25.82 21.98 9.40
N PHE A 142 -26.91 21.29 9.73
CA PHE A 142 -26.80 19.91 10.20
C PHE A 142 -27.73 19.04 9.37
N LYS A 143 -27.14 18.05 8.68
CA LYS A 143 -27.88 17.29 7.70
C LYS A 143 -28.31 15.98 8.36
N VAL A 144 -29.56 15.64 8.12
CA VAL A 144 -30.19 14.48 8.71
C VAL A 144 -30.68 13.54 7.62
N ILE A 145 -30.21 12.29 7.67
CA ILE A 145 -30.74 11.23 6.83
C ILE A 145 -31.60 10.33 7.72
N PRO A 146 -32.94 10.39 7.60
CA PRO A 146 -33.79 9.49 8.38
C PRO A 146 -33.58 8.04 7.95
N LEU A 147 -33.51 7.12 8.91
CA LEU A 147 -33.35 5.71 8.58
C LEU A 147 -34.70 4.99 8.68
N ASP A 148 -35.55 5.23 7.68
CA ASP A 148 -36.69 4.39 7.40
C ASP A 148 -36.28 3.42 6.32
N ARG A 149 -36.99 2.29 6.24
CA ARG A 149 -36.74 1.23 5.28
C ARG A 149 -37.07 1.73 3.87
N ASP A 150 -37.87 2.79 3.78
CA ASP A 150 -38.26 3.38 2.50
C ASP A 150 -37.12 4.23 1.92
N ASN A 151 -36.13 4.65 2.74
CA ASN A 151 -35.21 5.72 2.33
C ASN A 151 -33.96 5.16 1.65
N LYS A 152 -34.17 4.39 0.58
CA LYS A 152 -33.09 3.73 -0.14
C LYS A 152 -32.27 4.74 -0.96
N GLU A 153 -32.81 5.94 -1.17
CA GLU A 153 -32.09 6.98 -1.90
C GLU A 153 -31.38 7.92 -0.94
N LEU A 154 -31.50 7.66 0.37
CA LEU A 154 -30.83 8.43 1.41
C LEU A 154 -31.16 9.92 1.26
N LYS A 155 -32.43 10.20 1.04
CA LYS A 155 -32.92 11.57 1.03
C LYS A 155 -32.70 12.18 2.41
N ALA A 156 -32.37 13.47 2.44
CA ALA A 156 -31.89 14.13 3.64
C ALA A 156 -32.59 15.47 3.77
N PHE A 157 -32.57 16.04 4.96
CA PHE A 157 -32.98 17.42 5.16
C PHE A 157 -31.90 18.11 6.00
N ASN A 158 -31.82 19.42 5.83
CA ASN A 158 -30.90 20.25 6.59
C ASN A 158 -31.66 20.96 7.71
N ILE A 159 -30.99 21.08 8.86
CA ILE A 159 -31.41 21.93 9.95
C ILE A 159 -30.40 23.08 10.07
N ARG A 160 -30.91 24.29 10.23
CA ARG A 160 -30.09 25.42 10.59
C ARG A 160 -29.47 25.19 11.97
N LEU A 161 -28.16 25.36 12.03
CA LEU A 161 -27.42 25.25 13.27
C LEU A 161 -26.90 26.64 13.64
N GLU A 162 -27.45 27.23 14.71
CA GLU A 162 -27.15 28.61 15.08
C GLU A 162 -25.64 28.77 15.32
N GLU A 163 -25.02 27.75 15.93
CA GLU A 163 -23.59 27.76 16.18
C GLU A 163 -22.83 27.41 14.89
N LEU A 164 -22.04 28.38 14.41
CA LEU A 164 -21.44 28.36 13.08
C LEU A 164 -20.10 27.62 13.05
N HIS A 165 -19.48 27.41 14.21
N HIS A 165 -19.41 27.54 14.21
CA HIS A 165 -18.12 26.92 14.27
CA HIS A 165 -18.09 26.93 14.34
C HIS A 165 -18.08 25.74 15.25
C HIS A 165 -18.19 25.75 15.31
N VAL A 166 -18.59 24.59 14.79
CA VAL A 166 -18.64 23.38 15.59
C VAL A 166 -17.29 22.66 15.51
N ILE A 167 -16.80 22.23 16.67
CA ILE A 167 -15.53 21.52 16.78
C ILE A 167 -15.74 20.01 16.65
N ASP A 168 -16.69 19.46 17.41
CA ASP A 168 -17.00 18.04 17.36
C ASP A 168 -18.43 17.86 17.85
N VAL A 169 -19.03 16.73 17.47
CA VAL A 169 -20.42 16.43 17.73
C VAL A 169 -20.62 14.90 17.76
N LYS A 170 -21.46 14.45 18.67
CA LYS A 170 -21.88 13.06 18.80
C LYS A 170 -23.37 12.99 19.17
N PHE A 171 -23.98 11.84 18.87
CA PHE A 171 -25.28 11.48 19.41
C PHE A 171 -25.08 10.87 20.80
N LEU A 172 -25.97 11.24 21.74
CA LEU A 172 -25.91 10.79 23.12
C LEU A 172 -26.66 9.48 23.26
N TYR A 173 -26.23 8.68 24.23
CA TYR A 173 -26.92 7.44 24.57
C TYR A 173 -28.00 7.75 25.59
N GLY A 174 -29.00 6.86 25.68
CA GLY A 174 -29.96 6.85 26.75
C GLY A 174 -30.96 8.01 26.67
N CYS A 175 -31.27 8.46 25.45
CA CYS A 175 -32.12 9.63 25.26
C CYS A 175 -33.42 9.22 24.55
N GLN A 176 -34.53 9.73 25.06
CA GLN A 176 -35.86 9.45 24.56
C GLN A 176 -36.00 9.88 23.11
N ALA A 177 -35.37 11.01 22.78
CA ALA A 177 -35.30 11.47 21.41
C ALA A 177 -33.85 11.55 21.01
N PRO A 178 -33.51 11.43 19.70
CA PRO A 178 -32.12 11.57 19.25
C PRO A 178 -31.63 12.95 19.69
N THR A 179 -30.43 12.98 20.28
CA THR A 179 -29.90 14.16 20.93
C THR A 179 -28.43 14.27 20.55
N ILE A 180 -28.04 15.43 20.03
CA ILE A 180 -26.65 15.69 19.75
C ILE A 180 -26.06 16.50 20.89
N CYS A 181 -24.77 16.27 21.10
CA CYS A 181 -23.95 17.01 22.02
C CYS A 181 -22.74 17.53 21.26
N PHE A 182 -22.48 18.84 21.32
CA PHE A 182 -21.35 19.36 20.55
C PHE A 182 -20.63 20.47 21.32
N VAL A 183 -19.37 20.64 20.94
CA VAL A 183 -18.53 21.76 21.31
C VAL A 183 -18.49 22.74 20.14
N TYR A 184 -18.69 24.02 20.45
CA TYR A 184 -18.65 25.08 19.46
C TYR A 184 -17.87 26.26 20.03
N GLN A 185 -17.38 27.12 19.14
CA GLN A 185 -16.56 28.27 19.49
C GLN A 185 -17.23 29.54 18.96
N ASP A 186 -17.25 30.57 19.82
CA ASP A 186 -17.70 31.91 19.47
C ASP A 186 -16.74 32.91 20.10
N PRO A 187 -16.95 34.23 19.98
CA PRO A 187 -16.03 35.21 20.56
C PRO A 187 -15.91 35.10 22.08
N GLN A 188 -16.87 34.42 22.72
CA GLN A 188 -16.91 34.30 24.17
C GLN A 188 -16.20 33.02 24.64
N GLY A 189 -15.69 32.20 23.71
CA GLY A 189 -14.91 31.03 24.06
C GLY A 189 -15.52 29.74 23.50
N ARG A 190 -15.19 28.59 24.14
CA ARG A 190 -15.77 27.32 23.72
C ARG A 190 -16.80 26.84 24.74
N HIS A 191 -17.80 26.13 24.22
CA HIS A 191 -18.98 25.78 24.98
C HIS A 191 -19.48 24.41 24.51
N VAL A 192 -20.10 23.67 25.44
CA VAL A 192 -20.75 22.42 25.12
C VAL A 192 -22.26 22.67 25.21
N LYS A 193 -23.00 22.10 24.28
CA LYS A 193 -24.43 22.31 24.17
C LYS A 193 -25.07 21.05 23.60
N THR A 194 -26.37 20.88 23.81
CA THR A 194 -27.15 19.80 23.25
C THR A 194 -28.35 20.35 22.52
N TYR A 195 -28.83 19.54 21.57
CA TYR A 195 -30.12 19.68 20.92
C TYR A 195 -30.74 18.30 20.76
N GLU A 196 -32.07 18.21 20.90
CA GLU A 196 -32.81 17.07 20.38
C GLU A 196 -33.12 17.32 18.90
N VAL A 197 -33.23 16.24 18.15
CA VAL A 197 -33.48 16.29 16.72
C VAL A 197 -34.87 15.71 16.46
N SER A 198 -35.78 16.57 16.00
CA SER A 198 -37.15 16.18 15.74
C SER A 198 -37.31 15.77 14.28
N LEU A 199 -37.57 14.48 14.06
CA LEU A 199 -37.94 14.00 12.73
C LEU A 199 -39.29 14.59 12.28
N ARG A 200 -40.23 14.79 13.21
CA ARG A 200 -41.53 15.37 12.85
C ARG A 200 -41.40 16.81 12.34
N GLU A 201 -40.57 17.60 13.00
CA GLU A 201 -40.48 19.02 12.73
C GLU A 201 -39.31 19.33 11.80
N LYS A 202 -38.46 18.33 11.56
CA LYS A 202 -37.22 18.53 10.82
C LYS A 202 -36.46 19.73 11.37
N GLU A 203 -36.25 19.74 12.69
N GLU A 203 -36.37 19.81 12.70
CA GLU A 203 -35.72 20.91 13.39
CA GLU A 203 -35.76 20.93 13.40
C GLU A 203 -35.13 20.42 14.71
C GLU A 203 -35.09 20.41 14.68
N PHE A 204 -34.28 21.27 15.30
CA PHE A 204 -33.77 21.01 16.63
C PHE A 204 -34.84 21.39 17.64
N ASN A 205 -34.80 20.71 18.80
CA ASN A 205 -35.52 21.11 19.99
C ASN A 205 -34.52 21.31 21.12
N LYS A 206 -34.98 21.98 22.18
CA LYS A 206 -34.13 22.26 23.32
C LYS A 206 -33.57 20.94 23.86
N GLY A 207 -32.27 20.95 24.17
CA GLY A 207 -31.55 19.76 24.60
C GLY A 207 -31.83 19.44 26.07
N PRO A 208 -31.53 18.21 26.54
CA PRO A 208 -31.87 17.80 27.91
C PRO A 208 -31.01 18.44 28.99
N TRP A 209 -29.89 19.07 28.61
CA TRP A 209 -29.14 19.80 29.61
C TRP A 209 -28.45 21.00 29.01
N LYS A 210 -28.35 22.05 29.85
CA LYS A 210 -28.00 23.39 29.43
C LYS A 210 -26.52 23.47 29.11
N GLN A 211 -26.15 24.54 28.40
CA GLN A 211 -24.80 24.62 27.91
C GLN A 211 -23.87 25.02 29.04
N GLU A 212 -22.60 24.67 28.86
CA GLU A 212 -21.55 24.99 29.80
C GLU A 212 -20.37 25.53 29.01
N ASN A 213 -19.57 26.36 29.67
CA ASN A 213 -18.29 26.80 29.14
C ASN A 213 -17.28 25.68 29.34
N VAL A 214 -16.46 25.46 28.31
CA VAL A 214 -15.41 24.46 28.36
C VAL A 214 -14.08 25.13 28.03
N GLU A 215 -13.02 24.36 28.18
CA GLU A 215 -11.66 24.80 27.94
C GLU A 215 -11.51 25.35 26.51
N ALA A 216 -10.59 26.32 26.36
CA ALA A 216 -10.32 26.98 25.09
C ALA A 216 -9.92 25.97 24.02
N GLU A 217 -9.32 24.83 24.41
CA GLU A 217 -8.85 23.89 23.42
C GLU A 217 -9.58 22.57 23.55
N ALA A 218 -10.84 22.62 24.02
CA ALA A 218 -11.71 21.45 23.99
C ALA A 218 -11.95 21.05 22.54
N SER A 219 -11.63 19.79 22.19
CA SER A 219 -11.53 19.41 20.78
C SER A 219 -12.30 18.13 20.43
N MET A 220 -12.65 17.29 21.42
CA MET A 220 -13.26 16.01 21.12
C MET A 220 -14.43 15.74 22.07
N VAL A 221 -15.51 15.20 21.50
CA VAL A 221 -16.69 14.81 22.26
C VAL A 221 -16.74 13.29 22.26
N ILE A 222 -16.91 12.71 23.44
CA ILE A 222 -17.19 11.29 23.63
C ILE A 222 -18.59 11.15 24.21
N ALA A 223 -19.45 10.36 23.55
CA ALA A 223 -20.74 9.97 24.09
C ALA A 223 -20.59 8.65 24.88
N VAL A 224 -20.88 8.73 26.18
CA VAL A 224 -20.64 7.60 27.08
C VAL A 224 -21.91 6.75 27.10
N PRO A 225 -21.80 5.43 26.89
CA PRO A 225 -22.97 4.55 26.91
C PRO A 225 -23.62 4.48 28.28
N GLU A 226 -24.80 3.86 28.32
CA GLU A 226 -25.44 3.47 29.56
C GLU A 226 -24.52 2.52 30.33
N PRO A 227 -24.42 2.62 31.68
CA PRO A 227 -25.37 3.38 32.49
C PRO A 227 -25.01 4.82 32.81
N PHE A 228 -23.85 5.29 32.34
CA PHE A 228 -23.43 6.66 32.61
C PHE A 228 -24.28 7.62 31.79
N GLY A 229 -24.35 7.37 30.48
CA GLY A 229 -24.80 8.37 29.53
C GLY A 229 -23.94 9.63 29.62
N GLY A 230 -24.46 10.72 29.05
CA GLY A 230 -23.74 11.99 29.05
C GLY A 230 -22.54 11.98 28.10
N ALA A 231 -21.67 12.98 28.29
CA ALA A 231 -20.57 13.22 27.39
C ALA A 231 -19.30 13.52 28.17
N ILE A 232 -18.17 13.04 27.62
CA ILE A 232 -16.85 13.49 28.04
C ILE A 232 -16.30 14.43 26.96
N ILE A 233 -15.66 15.51 27.43
CA ILE A 233 -15.06 16.51 26.56
C ILE A 233 -13.57 16.54 26.87
N ILE A 234 -12.75 16.25 25.84
CA ILE A 234 -11.30 16.23 25.98
C ILE A 234 -10.75 17.57 25.48
N GLY A 235 -9.94 18.25 26.31
CA GLY A 235 -9.15 19.42 25.91
C GLY A 235 -7.66 19.15 26.05
N GLN A 236 -6.85 20.22 25.93
CA GLN A 236 -5.40 20.15 26.07
C GLN A 236 -4.98 20.05 27.54
N GLU A 237 -5.76 20.65 28.46
CA GLU A 237 -5.36 20.73 29.85
C GLU A 237 -6.40 20.12 30.78
N SER A 238 -7.52 19.66 30.24
CA SER A 238 -8.63 19.22 31.08
C SER A 238 -9.47 18.15 30.40
N ILE A 239 -10.16 17.36 31.22
CA ILE A 239 -11.20 16.43 30.76
C ILE A 239 -12.44 16.66 31.61
N THR A 240 -13.61 16.84 30.96
CA THR A 240 -14.84 17.14 31.69
C THR A 240 -15.92 16.15 31.31
N TYR A 241 -16.76 15.83 32.27
CA TYR A 241 -17.94 15.00 32.04
C TYR A 241 -19.21 15.82 32.32
N HIS A 242 -20.24 15.65 31.48
CA HIS A 242 -21.48 16.40 31.58
C HIS A 242 -22.66 15.47 31.40
N ASN A 243 -23.68 15.63 32.25
CA ASN A 243 -24.93 14.92 32.05
C ASN A 243 -26.11 15.72 32.64
N GLY A 244 -25.87 16.94 33.09
CA GLY A 244 -26.89 17.97 33.03
C GLY A 244 -27.02 18.73 34.34
N ASP A 245 -27.76 18.14 35.28
CA ASP A 245 -27.60 18.46 36.69
C ASP A 245 -26.34 17.76 37.21
N LYS A 246 -25.26 17.80 36.40
CA LYS A 246 -24.10 16.98 36.65
C LYS A 246 -22.90 17.46 35.82
N TYR A 247 -21.83 17.82 36.53
CA TYR A 247 -20.63 18.38 35.94
C TYR A 247 -19.44 17.84 36.72
N LEU A 248 -18.44 17.29 36.02
CA LEU A 248 -17.22 16.87 36.69
C LEU A 248 -16.04 17.21 35.79
N ALA A 249 -15.01 17.83 36.34
CA ALA A 249 -13.82 18.12 35.54
C ALA A 249 -12.55 17.75 36.29
N ILE A 250 -11.55 17.30 35.54
CA ILE A 250 -10.21 17.10 36.06
C ILE A 250 -9.23 17.87 35.17
N ALA A 251 -8.10 18.26 35.77
CA ALA A 251 -7.00 18.91 35.08
C ALA A 251 -5.72 18.15 35.40
N PRO A 252 -5.54 16.91 34.91
CA PRO A 252 -4.39 16.09 35.25
C PRO A 252 -3.18 16.67 34.54
N PRO A 253 -2.10 17.08 35.26
CA PRO A 253 -0.90 17.59 34.58
C PRO A 253 -0.30 16.62 33.56
N ILE A 254 -0.57 15.31 33.72
CA ILE A 254 0.08 14.30 32.92
C ILE A 254 -0.26 14.43 31.42
N ILE A 255 -1.34 15.16 31.07
CA ILE A 255 -1.78 15.23 29.69
C ILE A 255 -1.31 16.53 29.02
N LYS A 256 -0.73 17.45 29.79
CA LYS A 256 -0.56 18.82 29.32
C LYS A 256 0.60 18.93 28.34
N GLN A 257 1.50 17.92 28.31
CA GLN A 257 2.71 17.99 27.49
C GLN A 257 2.43 17.89 26.00
N SER A 258 1.34 17.24 25.60
CA SER A 258 1.10 16.96 24.18
C SER A 258 -0.41 16.84 23.90
N THR A 259 -0.84 17.28 22.71
CA THR A 259 -2.26 17.27 22.40
C THR A 259 -2.76 15.85 22.20
N ILE A 260 -3.89 15.56 22.86
CA ILE A 260 -4.57 14.30 22.70
C ILE A 260 -5.41 14.40 21.42
N VAL A 261 -5.21 13.43 20.52
CA VAL A 261 -5.74 13.50 19.17
C VAL A 261 -6.70 12.34 18.86
N CYS A 262 -6.82 11.32 19.73
CA CYS A 262 -7.78 10.27 19.46
C CYS A 262 -8.22 9.57 20.74
N HIS A 263 -9.38 8.91 20.66
CA HIS A 263 -9.96 8.16 21.76
C HIS A 263 -10.62 6.88 21.23
N ASN A 264 -10.82 5.92 22.15
CA ASN A 264 -11.50 4.68 21.83
C ASN A 264 -12.03 4.03 23.10
N ARG A 265 -13.25 3.47 23.04
CA ARG A 265 -13.89 2.88 24.20
C ARG A 265 -13.38 1.45 24.37
N VAL A 266 -12.95 1.11 25.60
CA VAL A 266 -12.41 -0.21 25.89
C VAL A 266 -13.57 -1.12 26.34
N ASP A 267 -14.32 -0.69 27.35
CA ASP A 267 -15.41 -1.48 27.90
C ASP A 267 -16.73 -1.03 27.29
N PRO A 268 -17.65 -1.97 26.98
CA PRO A 268 -18.97 -1.63 26.46
C PRO A 268 -19.74 -0.56 27.24
N ASN A 269 -19.55 -0.50 28.56
CA ASN A 269 -20.33 0.41 29.39
C ASN A 269 -19.60 1.73 29.65
N GLY A 270 -18.43 1.91 29.02
CA GLY A 270 -17.77 3.20 29.05
C GLY A 270 -16.90 3.40 30.29
N SER A 271 -16.57 2.31 30.99
CA SER A 271 -15.79 2.41 32.22
C SER A 271 -14.35 2.87 31.93
N ARG A 272 -13.86 2.53 30.74
CA ARG A 272 -12.50 2.81 30.37
C ARG A 272 -12.43 3.18 28.91
N TYR A 273 -11.54 4.13 28.62
CA TYR A 273 -11.24 4.62 27.28
C TYR A 273 -9.71 4.72 27.13
N LEU A 274 -9.26 4.50 25.90
CA LEU A 274 -7.89 4.80 25.51
C LEU A 274 -7.83 6.19 24.90
N LEU A 275 -6.75 6.92 25.22
CA LEU A 275 -6.46 8.22 24.63
C LEU A 275 -5.04 8.20 24.06
N GLY A 276 -4.86 8.81 22.88
CA GLY A 276 -3.53 8.88 22.28
C GLY A 276 -3.18 10.34 21.96
N ASP A 277 -1.90 10.71 22.13
CA ASP A 277 -1.40 12.06 21.89
C ASP A 277 -0.36 12.06 20.77
N MET A 278 0.18 13.27 20.47
CA MET A 278 1.05 13.47 19.32
C MET A 278 2.47 12.97 19.57
N GLU A 279 2.80 12.57 20.80
CA GLU A 279 4.08 11.94 21.08
C GLU A 279 3.89 10.44 21.26
N GLY A 280 2.72 9.92 20.85
CA GLY A 280 2.47 8.49 20.86
C GLY A 280 2.23 7.97 22.27
N ARG A 281 2.03 8.87 23.23
CA ARG A 281 1.63 8.39 24.54
C ARG A 281 0.25 7.78 24.43
N LEU A 282 0.08 6.63 25.11
CA LEU A 282 -1.20 5.94 25.26
C LEU A 282 -1.63 6.03 26.71
N PHE A 283 -2.81 6.61 26.93
CA PHE A 283 -3.38 6.69 28.26
C PHE A 283 -4.64 5.83 28.38
N MET A 284 -4.92 5.42 29.61
CA MET A 284 -6.22 4.92 29.98
C MET A 284 -6.96 5.99 30.78
N LEU A 285 -8.20 6.28 30.36
CA LEU A 285 -9.11 7.13 31.09
C LEU A 285 -10.12 6.22 31.78
N LEU A 286 -10.21 6.35 33.10
CA LEU A 286 -11.05 5.47 33.91
C LEU A 286 -12.16 6.29 34.58
N LEU A 287 -13.40 5.82 34.39
CA LEU A 287 -14.59 6.43 34.95
C LEU A 287 -15.01 5.62 36.16
N GLU A 288 -15.01 6.27 37.33
CA GLU A 288 -15.44 5.63 38.56
C GLU A 288 -16.94 5.90 38.79
N LYS A 289 -17.67 4.83 39.07
CA LYS A 289 -19.10 4.88 39.22
C LYS A 289 -19.43 5.39 40.61
N GLU A 290 -20.51 6.17 40.73
CA GLU A 290 -21.17 6.42 41.99
C GLU A 290 -22.59 5.87 41.90
N GLU A 291 -22.98 5.08 42.92
CA GLU A 291 -24.30 4.50 42.94
C GLU A 291 -25.32 5.55 43.44
N GLN A 292 -26.59 5.28 43.14
CA GLN A 292 -27.69 6.10 43.62
C GLN A 292 -28.83 5.20 44.08
N MET A 293 -29.70 5.77 44.92
CA MET A 293 -30.80 5.02 45.51
C MET A 293 -31.80 4.56 44.45
N ASP A 294 -31.97 5.34 43.38
CA ASP A 294 -32.93 5.00 42.34
C ASP A 294 -32.32 4.02 41.33
N GLY A 295 -31.05 3.65 41.53
CA GLY A 295 -30.45 2.59 40.73
C GLY A 295 -29.73 3.13 39.50
N THR A 296 -29.83 4.45 39.26
CA THR A 296 -29.00 5.06 38.24
C THR A 296 -27.57 5.09 38.75
N VAL A 297 -26.64 5.28 37.82
CA VAL A 297 -25.23 5.42 38.12
C VAL A 297 -24.79 6.81 37.67
N THR A 298 -24.08 7.52 38.54
CA THR A 298 -23.45 8.78 38.17
C THR A 298 -21.94 8.60 38.26
N LEU A 299 -21.21 9.61 37.77
CA LEU A 299 -19.76 9.54 37.75
C LEU A 299 -19.22 10.08 39.07
N LYS A 300 -18.41 9.28 39.76
CA LYS A 300 -17.76 9.68 41.01
C LYS A 300 -16.48 10.46 40.71
N ASP A 301 -15.64 9.91 39.82
CA ASP A 301 -14.35 10.51 39.52
C ASP A 301 -13.86 10.08 38.14
N LEU A 302 -12.87 10.82 37.63
CA LEU A 302 -12.14 10.52 36.40
C LEU A 302 -10.66 10.42 36.75
N ARG A 303 -9.98 9.41 36.19
CA ARG A 303 -8.55 9.23 36.37
C ARG A 303 -7.91 8.92 35.03
N VAL A 304 -6.67 9.40 34.86
CA VAL A 304 -5.90 9.14 33.65
C VAL A 304 -4.60 8.46 34.05
N GLU A 305 -4.24 7.38 33.37
CA GLU A 305 -3.03 6.64 33.68
C GLU A 305 -2.24 6.43 32.39
N LEU A 306 -0.93 6.67 32.44
CA LEU A 306 -0.06 6.50 31.27
C LEU A 306 0.31 5.02 31.18
N LEU A 307 0.03 4.42 30.03
CA LEU A 307 0.25 3.00 29.82
C LEU A 307 1.62 2.78 29.13
N GLY A 308 2.02 3.71 28.25
CA GLY A 308 3.24 3.52 27.47
C GLY A 308 3.20 4.34 26.19
N GLU A 309 3.92 3.84 25.17
CA GLU A 309 4.10 4.58 23.93
C GLU A 309 3.79 3.67 22.74
N THR A 310 3.07 4.23 21.74
CA THR A 310 2.74 3.59 20.49
C THR A 310 3.28 4.48 19.38
N SER A 311 3.05 4.07 18.13
CA SER A 311 3.14 5.02 17.03
C SER A 311 2.16 6.15 17.28
N ILE A 312 2.45 7.34 16.73
CA ILE A 312 1.50 8.45 16.75
C ILE A 312 0.20 7.96 16.11
N ALA A 313 -0.88 7.98 16.88
CA ALA A 313 -2.12 7.34 16.45
C ALA A 313 -3.06 8.36 15.80
N GLU A 314 -3.48 8.04 14.57
CA GLU A 314 -4.66 8.65 13.97
C GLU A 314 -5.93 8.10 14.62
N CYS A 315 -5.92 6.78 14.86
N CYS A 315 -5.93 6.78 14.84
CA CYS A 315 -7.05 6.09 15.45
CA CYS A 315 -7.01 6.12 15.55
C CYS A 315 -6.54 4.91 16.28
C CYS A 315 -6.46 5.02 16.41
N LEU A 316 -7.33 4.54 17.31
CA LEU A 316 -7.06 3.42 18.19
C LEU A 316 -8.33 2.56 18.24
N THR A 317 -8.18 1.24 18.17
N THR A 317 -8.15 1.24 18.23
CA THR A 317 -9.34 0.35 18.33
CA THR A 317 -9.28 0.34 18.34
C THR A 317 -8.96 -0.81 19.26
C THR A 317 -8.91 -0.80 19.29
N TYR A 318 -9.62 -0.88 20.41
CA TYR A 318 -9.48 -2.03 21.31
C TYR A 318 -10.12 -3.25 20.64
N LEU A 319 -9.45 -4.41 20.68
CA LEU A 319 -9.92 -5.61 19.99
C LEU A 319 -10.19 -6.77 20.96
N ASP A 320 -10.34 -6.50 22.24
CA ASP A 320 -10.54 -7.56 23.23
C ASP A 320 -9.21 -8.23 23.60
N ASN A 321 -9.18 -8.79 24.82
CA ASN A 321 -8.06 -9.59 25.31
C ASN A 321 -6.78 -8.75 25.34
N GLY A 322 -6.95 -7.44 25.55
CA GLY A 322 -5.82 -6.55 25.79
C GLY A 322 -5.13 -6.10 24.50
N VAL A 323 -5.65 -6.49 23.34
CA VAL A 323 -5.04 -6.15 22.07
C VAL A 323 -5.63 -4.85 21.53
N VAL A 324 -4.77 -3.96 21.05
CA VAL A 324 -5.17 -2.68 20.48
C VAL A 324 -4.59 -2.56 19.09
N PHE A 325 -5.41 -2.14 18.12
CA PHE A 325 -4.89 -1.71 16.82
C PHE A 325 -4.59 -0.22 16.88
N VAL A 326 -3.34 0.12 16.54
CA VAL A 326 -2.89 1.52 16.44
C VAL A 326 -2.79 1.88 14.96
N GLY A 327 -3.77 2.65 14.46
CA GLY A 327 -3.79 3.12 13.09
C GLY A 327 -3.07 4.47 12.99
N SER A 328 -1.99 4.49 12.20
CA SER A 328 -1.11 5.65 12.11
C SER A 328 -1.16 6.24 10.70
N ARG A 329 -1.19 7.57 10.63
CA ARG A 329 -1.01 8.32 9.39
C ARG A 329 0.46 8.76 9.23
N LEU A 330 1.15 8.99 10.34
CA LEU A 330 2.46 9.65 10.36
C LEU A 330 3.59 8.64 10.57
N GLY A 331 3.25 7.41 10.96
CA GLY A 331 4.23 6.35 11.13
C GLY A 331 3.60 4.99 10.85
N ASP A 332 4.32 3.93 11.23
CA ASP A 332 3.84 2.58 11.04
C ASP A 332 2.66 2.33 11.96
N SER A 333 1.68 1.58 11.45
CA SER A 333 0.58 1.09 12.28
C SER A 333 1.09 -0.12 13.07
N GLN A 334 0.34 -0.49 14.12
CA GLN A 334 0.78 -1.55 15.01
C GLN A 334 -0.42 -2.31 15.57
N LEU A 335 -0.16 -3.57 15.97
CA LEU A 335 -0.92 -4.24 17.02
C LEU A 335 -0.07 -4.20 18.29
N VAL A 336 -0.66 -3.74 19.40
CA VAL A 336 0.05 -3.75 20.66
C VAL A 336 -0.80 -4.52 21.67
N LYS A 337 -0.12 -5.05 22.69
CA LYS A 337 -0.77 -5.74 23.81
C LYS A 337 -0.65 -4.85 25.04
N LEU A 338 -1.74 -4.74 25.80
CA LEU A 338 -1.72 -4.07 27.07
C LEU A 338 -1.63 -5.13 28.17
N ASN A 339 -0.62 -5.04 29.03
CA ASN A 339 -0.47 -6.00 30.12
C ASN A 339 -0.95 -5.38 31.40
N VAL A 340 -1.35 -6.24 32.35
CA VAL A 340 -1.71 -5.82 33.68
C VAL A 340 -0.46 -5.36 34.42
N ASP A 341 0.68 -6.01 34.12
CA ASP A 341 1.94 -5.73 34.81
C ASP A 341 2.89 -5.00 33.88
N SER A 342 3.58 -4.01 34.43
CA SER A 342 4.57 -3.23 33.70
C SER A 342 5.83 -4.06 33.44
N ASN A 343 6.67 -3.58 32.51
CA ASN A 343 7.92 -4.23 32.14
C ASN A 343 9.07 -3.49 32.85
N GLU A 344 10.30 -3.71 32.37
CA GLU A 344 11.51 -3.16 32.98
C GLU A 344 11.39 -1.64 33.13
N GLN A 345 11.12 -0.94 32.02
CA GLN A 345 11.11 0.52 32.00
C GLN A 345 9.76 1.05 32.51
N GLY A 346 8.80 0.15 32.73
CA GLY A 346 7.56 0.51 33.42
C GLY A 346 6.40 0.77 32.44
N SER A 347 6.49 0.17 31.25
CA SER A 347 5.44 0.26 30.25
C SER A 347 4.49 -0.94 30.37
N TYR A 348 3.20 -0.70 30.16
CA TYR A 348 2.21 -1.76 30.10
C TYR A 348 1.94 -2.16 28.66
N VAL A 349 2.68 -1.54 27.71
CA VAL A 349 2.44 -1.71 26.28
C VAL A 349 3.58 -2.52 25.70
N VAL A 350 3.23 -3.51 24.86
CA VAL A 350 4.22 -4.31 24.15
C VAL A 350 3.79 -4.41 22.69
N ALA A 351 4.60 -3.89 21.76
CA ALA A 351 4.33 -4.04 20.33
C ALA A 351 4.34 -5.51 19.92
N MET A 352 3.27 -5.96 19.25
CA MET A 352 3.15 -7.34 18.80
C MET A 352 3.49 -7.42 17.32
N GLU A 353 2.98 -6.47 16.55
CA GLU A 353 3.16 -6.46 15.12
C GLU A 353 3.27 -5.04 14.61
N THR A 354 4.05 -4.85 13.53
CA THR A 354 4.25 -3.55 12.94
C THR A 354 3.85 -3.60 11.48
N PHE A 355 3.15 -2.58 11.01
CA PHE A 355 2.69 -2.50 9.63
C PHE A 355 3.24 -1.26 8.92
N THR A 356 3.88 -1.49 7.76
CA THR A 356 4.57 -0.43 7.02
C THR A 356 3.60 0.68 6.63
N ASN A 357 4.03 1.91 6.91
CA ASN A 357 3.40 3.11 6.38
C ASN A 357 4.50 3.98 5.80
N LEU A 358 4.36 4.28 4.50
CA LEU A 358 5.30 5.16 3.80
C LEU A 358 4.94 6.61 4.01
N GLY A 359 3.72 6.89 4.51
CA GLY A 359 3.20 8.26 4.48
C GLY A 359 3.55 9.07 5.73
N PRO A 360 3.57 10.41 5.62
CA PRO A 360 3.54 11.10 4.34
C PRO A 360 4.87 10.94 3.62
N ILE A 361 4.81 10.80 2.31
CA ILE A 361 6.02 10.93 1.49
C ILE A 361 6.19 12.42 1.14
N VAL A 362 7.19 13.08 1.74
CA VAL A 362 7.31 14.53 1.61
C VAL A 362 8.33 14.88 0.53
N ASP A 363 9.22 13.96 0.21
CA ASP A 363 10.13 14.08 -0.91
C ASP A 363 10.64 12.70 -1.24
N MET A 364 11.29 12.54 -2.41
CA MET A 364 11.86 11.27 -2.78
C MET A 364 12.79 11.47 -3.97
N CYS A 365 13.62 10.44 -4.19
CA CYS A 365 14.49 10.39 -5.34
C CYS A 365 14.71 8.93 -5.74
N VAL A 366 15.18 8.74 -6.98
CA VAL A 366 15.40 7.42 -7.54
C VAL A 366 16.90 7.23 -7.78
N VAL A 367 17.45 6.14 -7.26
CA VAL A 367 18.87 5.84 -7.36
C VAL A 367 19.03 4.37 -7.67
N ASP A 368 19.95 4.08 -8.59
CA ASP A 368 20.40 2.72 -8.88
C ASP A 368 21.42 2.28 -7.82
N LEU A 369 20.92 1.89 -6.64
CA LEU A 369 21.76 1.72 -5.47
C LEU A 369 22.69 0.51 -5.63
N GLU A 370 22.20 -0.54 -6.30
CA GLU A 370 22.94 -1.81 -6.33
C GLU A 370 23.41 -2.08 -7.76
N ARG A 371 22.47 -2.48 -8.63
CA ARG A 371 22.77 -2.73 -10.03
C ARG A 371 22.48 -1.47 -10.84
N GLN A 372 23.31 -1.24 -11.87
CA GLN A 372 22.95 -0.38 -12.97
C GLN A 372 21.58 -0.82 -13.51
N GLY A 373 20.69 0.16 -13.73
CA GLY A 373 19.45 -0.09 -14.46
C GLY A 373 18.29 -0.51 -13.54
N GLN A 374 18.58 -0.71 -12.26
CA GLN A 374 17.58 -1.11 -11.28
C GLN A 374 17.35 0.03 -10.29
N GLY A 375 16.40 0.90 -10.63
CA GLY A 375 16.12 2.07 -9.81
C GLY A 375 15.47 1.67 -8.49
N GLN A 376 15.86 2.36 -7.42
CA GLN A 376 15.17 2.21 -6.14
C GLN A 376 14.70 3.57 -5.69
N LEU A 377 13.52 3.62 -5.04
CA LEU A 377 12.97 4.87 -4.57
C LEU A 377 13.41 5.07 -3.12
N VAL A 378 13.98 6.23 -2.81
CA VAL A 378 14.33 6.59 -1.44
C VAL A 378 13.46 7.76 -1.01
N THR A 379 12.59 7.53 -0.02
CA THR A 379 11.62 8.55 0.39
C THR A 379 12.04 9.20 1.71
N CYS A 380 11.65 10.47 1.83
CA CYS A 380 11.47 11.11 3.12
C CYS A 380 10.05 10.82 3.60
N SER A 381 9.94 10.03 4.67
CA SER A 381 8.68 9.45 5.09
C SER A 381 8.39 9.81 6.54
N GLY A 382 7.10 9.94 6.86
CA GLY A 382 6.66 10.08 8.25
C GLY A 382 6.88 11.50 8.79
N ALA A 383 6.62 11.67 10.09
CA ALA A 383 6.88 12.93 10.76
C ALA A 383 7.16 12.71 12.25
N PHE A 384 7.83 13.71 12.86
CA PHE A 384 8.18 13.73 14.27
C PHE A 384 8.98 12.48 14.61
N LYS A 385 8.59 11.77 15.69
CA LYS A 385 9.41 10.66 16.17
C LYS A 385 9.34 9.51 15.16
N GLU A 386 8.35 9.53 14.24
CA GLU A 386 8.14 8.46 13.27
C GLU A 386 8.95 8.66 11.99
N GLY A 387 9.60 9.82 11.83
CA GLY A 387 10.27 10.12 10.59
C GLY A 387 11.32 9.09 10.21
N SER A 388 11.46 8.87 8.89
CA SER A 388 12.29 7.81 8.39
C SER A 388 12.72 8.13 6.97
N LEU A 389 13.75 7.41 6.50
CA LEU A 389 13.90 7.12 5.10
C LEU A 389 13.33 5.74 4.81
N ARG A 390 12.71 5.59 3.64
CA ARG A 390 12.28 4.29 3.15
C ARG A 390 12.92 4.05 1.78
N ILE A 391 13.48 2.85 1.61
CA ILE A 391 14.09 2.43 0.36
C ILE A 391 13.24 1.33 -0.23
N ILE A 392 12.63 1.64 -1.38
CA ILE A 392 11.63 0.78 -1.98
C ILE A 392 12.20 0.22 -3.28
N ARG A 393 12.08 -1.10 -3.44
CA ARG A 393 12.54 -1.75 -4.65
C ARG A 393 11.62 -2.90 -5.03
N ASN A 394 11.51 -3.09 -6.35
CA ASN A 394 10.63 -4.09 -6.94
C ASN A 394 11.25 -5.47 -6.74
N GLY A 395 10.39 -6.46 -6.53
CA GLY A 395 10.78 -7.85 -6.65
C GLY A 395 11.20 -8.45 -5.32
N ILE A 396 11.31 -9.78 -5.31
CA ILE A 396 11.58 -10.54 -4.09
C ILE A 396 13.03 -10.98 -4.13
N GLY A 397 13.77 -10.63 -3.09
CA GLY A 397 15.17 -10.99 -2.99
C GLY A 397 15.39 -12.39 -2.41
N ILE A 398 16.55 -12.94 -2.78
CA ILE A 398 17.08 -14.21 -2.29
C ILE A 398 18.42 -13.95 -1.60
N HIS A 399 18.65 -14.58 -0.45
CA HIS A 399 19.91 -14.48 0.25
C HIS A 399 20.67 -15.78 0.06
N GLU A 400 21.67 -15.74 -0.84
N GLU A 400 21.70 -15.75 -0.80
CA GLU A 400 22.46 -16.90 -1.17
CA GLU A 400 22.43 -16.94 -1.19
C GLU A 400 23.31 -17.30 0.04
C GLU A 400 23.39 -17.33 -0.06
N HIS A 401 23.27 -18.57 0.43
CA HIS A 401 24.02 -19.05 1.58
C HIS A 401 24.94 -20.21 1.20
N ALA A 402 24.74 -20.78 0.01
CA ALA A 402 25.68 -21.72 -0.55
C ALA A 402 25.60 -21.66 -2.08
N SER A 403 26.72 -21.96 -2.73
CA SER A 403 26.79 -22.00 -4.17
C SER A 403 27.77 -23.08 -4.57
N ILE A 404 27.31 -24.02 -5.40
CA ILE A 404 28.11 -25.16 -5.81
C ILE A 404 28.08 -25.25 -7.32
N ASP A 405 29.27 -25.38 -7.91
CA ASP A 405 29.38 -25.62 -9.33
C ASP A 405 28.99 -27.07 -9.61
N LEU A 406 28.01 -27.25 -10.48
CA LEU A 406 27.34 -28.52 -10.64
C LEU A 406 26.38 -28.42 -11.82
N PRO A 407 26.87 -28.61 -13.06
CA PRO A 407 26.04 -28.41 -14.26
C PRO A 407 25.14 -29.60 -14.56
N GLY A 408 24.06 -29.33 -15.32
CA GLY A 408 23.25 -30.38 -15.93
C GLY A 408 22.13 -30.88 -15.02
N ILE A 409 21.80 -30.14 -13.97
CA ILE A 409 20.75 -30.58 -13.06
C ILE A 409 19.41 -30.55 -13.80
N LYS A 410 18.59 -31.60 -13.58
CA LYS A 410 17.29 -31.74 -14.23
C LYS A 410 16.13 -31.88 -13.23
N GLY A 411 16.43 -31.76 -11.92
CA GLY A 411 15.41 -31.87 -10.90
C GLY A 411 16.04 -31.87 -9.52
N LEU A 412 15.26 -31.43 -8.52
CA LEU A 412 15.71 -31.32 -7.13
C LEU A 412 14.58 -31.83 -6.23
N TRP A 413 14.93 -32.64 -5.21
CA TRP A 413 13.96 -33.12 -4.22
C TRP A 413 14.57 -33.18 -2.85
N PRO A 414 13.92 -32.62 -1.81
CA PRO A 414 14.37 -32.80 -0.44
C PRO A 414 13.83 -34.11 0.14
N LEU A 415 14.53 -34.64 1.14
CA LEU A 415 14.24 -35.93 1.74
C LEU A 415 14.69 -35.88 3.20
N ARG A 416 13.90 -36.49 4.09
CA ARG A 416 14.33 -36.79 5.45
C ARG A 416 14.74 -38.25 5.51
N SER A 417 16.05 -38.51 5.57
CA SER A 417 16.58 -39.87 5.59
C SER A 417 16.43 -40.44 6.99
N ASP A 418 16.26 -39.54 7.96
CA ASP A 418 15.97 -39.93 9.33
C ASP A 418 14.46 -39.88 9.55
N PRO A 419 13.82 -40.98 10.00
CA PRO A 419 12.39 -40.95 10.33
C PRO A 419 12.09 -40.31 11.69
N GLN A 420 13.15 -39.98 12.45
CA GLN A 420 13.00 -39.32 13.74
C GLN A 420 13.09 -37.81 13.56
N ARG A 421 14.08 -37.34 12.77
CA ARG A 421 14.38 -35.92 12.66
C ARG A 421 13.34 -35.24 11.76
N GLU A 422 12.93 -34.04 12.13
CA GLU A 422 11.82 -33.35 11.48
C GLU A 422 12.32 -32.63 10.25
N THR A 423 13.64 -32.41 10.16
CA THR A 423 14.23 -31.58 9.13
C THR A 423 14.76 -32.45 8.00
N ASP A 424 14.86 -31.87 6.81
CA ASP A 424 15.48 -32.52 5.66
C ASP A 424 16.97 -32.68 5.94
N ASP A 425 17.56 -33.78 5.46
CA ASP A 425 18.99 -33.97 5.59
C ASP A 425 19.59 -34.43 4.26
N THR A 426 18.78 -34.43 3.20
CA THR A 426 19.15 -35.02 1.92
C THR A 426 18.59 -34.13 0.80
N LEU A 427 19.41 -33.89 -0.22
CA LEU A 427 18.96 -33.30 -1.47
C LEU A 427 19.32 -34.22 -2.62
N VAL A 428 18.33 -34.57 -3.43
CA VAL A 428 18.50 -35.53 -4.51
C VAL A 428 18.40 -34.76 -5.81
N LEU A 429 19.36 -34.99 -6.72
CA LEU A 429 19.45 -34.28 -7.99
C LEU A 429 19.27 -35.27 -9.13
N SER A 430 18.46 -34.91 -10.14
CA SER A 430 18.47 -35.65 -11.39
C SER A 430 19.40 -34.98 -12.39
N PHE A 431 19.92 -35.81 -13.32
CA PHE A 431 20.62 -35.40 -14.52
C PHE A 431 20.11 -36.23 -15.69
N VAL A 432 20.56 -35.94 -16.92
CA VAL A 432 20.14 -36.76 -18.03
C VAL A 432 20.61 -38.19 -17.77
N GLY A 433 19.64 -39.10 -17.64
CA GLY A 433 19.92 -40.52 -17.48
C GLY A 433 20.44 -40.92 -16.10
N GLN A 434 20.48 -40.00 -15.12
CA GLN A 434 21.22 -40.22 -13.88
C GLN A 434 20.58 -39.54 -12.67
N THR A 435 21.00 -40.01 -11.47
CA THR A 435 20.60 -39.43 -10.20
C THR A 435 21.81 -39.38 -9.25
N ARG A 436 21.95 -38.28 -8.51
CA ARG A 436 22.99 -38.16 -7.49
C ARG A 436 22.33 -37.68 -6.20
N VAL A 437 22.90 -38.12 -5.08
CA VAL A 437 22.36 -37.76 -3.78
C VAL A 437 23.41 -36.96 -3.01
N LEU A 438 22.96 -35.82 -2.48
CA LEU A 438 23.78 -34.98 -1.64
C LEU A 438 23.27 -35.08 -0.21
N MET A 439 24.20 -35.30 0.72
CA MET A 439 23.86 -35.25 2.14
C MET A 439 24.19 -33.85 2.67
N LEU A 440 23.43 -33.44 3.67
CA LEU A 440 23.59 -32.14 4.31
C LEU A 440 24.00 -32.36 5.76
N ASN A 441 25.27 -32.07 6.06
CA ASN A 441 25.76 -32.09 7.43
C ASN A 441 26.10 -30.66 7.82
N GLY A 442 25.21 -30.04 8.60
CA GLY A 442 25.27 -28.60 8.80
C GLY A 442 25.37 -27.91 7.44
N GLU A 443 26.42 -27.10 7.29
CA GLU A 443 26.60 -26.33 6.07
C GLU A 443 27.32 -27.15 5.00
N GLU A 444 27.81 -28.35 5.39
CA GLU A 444 28.53 -29.20 4.46
C GLU A 444 27.53 -29.92 3.55
N VAL A 445 27.85 -29.92 2.24
CA VAL A 445 27.08 -30.61 1.22
C VAL A 445 28.04 -31.56 0.50
N GLU A 446 27.77 -32.87 0.55
CA GLU A 446 28.69 -33.88 0.05
C GLU A 446 27.93 -34.97 -0.69
N GLU A 447 28.52 -35.44 -1.80
CA GLU A 447 28.08 -36.65 -2.50
C GLU A 447 27.90 -37.80 -1.51
N THR A 448 26.91 -38.66 -1.77
CA THR A 448 26.71 -39.87 -0.99
C THR A 448 25.82 -40.82 -1.78
N GLU A 449 25.84 -42.11 -1.41
CA GLU A 449 24.87 -43.04 -1.93
C GLU A 449 23.72 -43.13 -0.92
N LEU A 450 22.54 -43.54 -1.41
CA LEU A 450 21.41 -43.84 -0.55
C LEU A 450 20.91 -45.22 -0.95
N MET A 451 21.09 -46.22 -0.07
CA MET A 451 20.69 -47.58 -0.38
C MET A 451 19.20 -47.55 -0.79
N GLY A 452 18.86 -48.36 -1.80
CA GLY A 452 17.49 -48.47 -2.26
C GLY A 452 17.23 -47.64 -3.51
N PHE A 453 17.92 -46.50 -3.61
CA PHE A 453 17.80 -45.61 -4.76
C PHE A 453 18.87 -45.98 -5.79
N VAL A 454 18.55 -45.80 -7.07
CA VAL A 454 19.49 -46.07 -8.15
C VAL A 454 20.08 -44.74 -8.63
N ASP A 455 21.33 -44.80 -9.09
CA ASP A 455 22.01 -43.60 -9.58
C ASP A 455 22.10 -43.59 -11.10
N ASP A 456 21.73 -44.71 -11.76
CA ASP A 456 21.96 -44.90 -13.18
C ASP A 456 20.66 -44.78 -13.98
N GLN A 457 19.65 -44.17 -13.36
CA GLN A 457 18.42 -43.78 -14.05
C GLN A 457 18.07 -42.38 -13.61
N GLN A 458 17.38 -41.64 -14.49
CA GLN A 458 16.94 -40.30 -14.17
C GLN A 458 15.72 -40.35 -13.24
N THR A 459 15.80 -39.63 -12.12
CA THR A 459 14.67 -39.49 -11.20
C THR A 459 13.69 -38.42 -11.68
N PHE A 460 12.39 -38.74 -11.56
CA PHE A 460 11.33 -37.82 -11.89
C PHE A 460 10.63 -37.35 -10.62
N PHE A 461 10.78 -38.15 -9.57
CA PHE A 461 10.25 -37.81 -8.27
C PHE A 461 10.90 -38.68 -7.21
N CYS A 462 11.22 -38.09 -6.06
CA CYS A 462 11.53 -38.87 -4.88
C CYS A 462 11.13 -38.07 -3.64
N GLY A 463 10.87 -38.79 -2.54
CA GLY A 463 10.42 -38.15 -1.33
C GLY A 463 10.05 -39.16 -0.25
N ASN A 464 9.69 -38.61 0.91
CA ASN A 464 9.13 -39.38 2.02
C ASN A 464 7.69 -39.73 1.66
N VAL A 465 7.28 -40.95 2.00
CA VAL A 465 5.92 -41.40 1.77
C VAL A 465 5.46 -42.18 2.99
N ALA A 466 4.18 -42.60 2.94
CA ALA A 466 3.46 -43.21 4.05
C ALA A 466 4.19 -44.47 4.56
N HIS A 467 3.94 -44.77 5.84
CA HIS A 467 4.45 -45.95 6.53
C HIS A 467 5.98 -45.92 6.65
N GLN A 468 6.55 -44.75 6.94
CA GLN A 468 7.98 -44.60 7.17
C GLN A 468 8.79 -45.21 6.01
N GLN A 469 8.50 -44.73 4.79
CA GLN A 469 9.15 -45.23 3.58
C GLN A 469 9.61 -44.03 2.74
N LEU A 470 10.53 -44.34 1.82
CA LEU A 470 10.96 -43.41 0.78
C LEU A 470 10.48 -43.95 -0.55
N ILE A 471 10.31 -43.04 -1.54
CA ILE A 471 10.02 -43.48 -2.89
C ILE A 471 11.00 -42.82 -3.86
N GLN A 472 11.39 -43.56 -4.90
CA GLN A 472 12.09 -42.98 -6.04
C GLN A 472 11.39 -43.44 -7.31
N ILE A 473 10.94 -42.48 -8.12
CA ILE A 473 10.34 -42.77 -9.40
C ILE A 473 11.33 -42.36 -10.49
N THR A 474 11.74 -43.33 -11.31
CA THR A 474 12.65 -43.06 -12.41
C THR A 474 11.97 -43.36 -13.73
N SER A 475 12.72 -43.18 -14.83
CA SER A 475 12.26 -43.58 -16.15
C SER A 475 12.01 -45.08 -16.24
N ALA A 476 12.67 -45.88 -15.38
CA ALA A 476 12.58 -47.34 -15.45
C ALA A 476 11.50 -47.90 -14.51
N SER A 477 11.35 -47.34 -13.30
CA SER A 477 10.52 -48.00 -12.30
C SER A 477 10.10 -47.04 -11.19
N VAL A 478 9.14 -47.51 -10.37
CA VAL A 478 8.82 -46.90 -9.08
C VAL A 478 9.42 -47.77 -7.98
N ARG A 479 10.29 -47.20 -7.15
CA ARG A 479 10.99 -47.96 -6.11
C ARG A 479 10.56 -47.48 -4.73
N LEU A 480 10.08 -48.41 -3.91
CA LEU A 480 9.72 -48.12 -2.53
C LEU A 480 10.79 -48.68 -1.58
N VAL A 481 11.21 -47.83 -0.65
CA VAL A 481 12.37 -48.11 0.19
C VAL A 481 12.00 -47.90 1.65
N SER A 482 12.27 -48.92 2.49
CA SER A 482 12.04 -48.80 3.93
C SER A 482 13.01 -47.78 4.53
N GLN A 483 12.62 -47.16 5.65
CA GLN A 483 13.47 -46.15 6.27
C GLN A 483 14.56 -46.82 7.11
N GLU A 484 14.22 -47.94 7.81
CA GLU A 484 15.18 -48.58 8.69
C GLU A 484 15.07 -50.10 8.64
N PRO A 485 16.05 -50.81 8.03
CA PRO A 485 17.12 -50.18 7.26
C PRO A 485 16.61 -49.70 5.90
N LYS A 486 17.51 -49.14 5.10
CA LYS A 486 17.16 -48.69 3.76
C LYS A 486 17.31 -49.86 2.81
N ALA A 487 16.18 -50.49 2.49
CA ALA A 487 16.10 -51.63 1.60
C ALA A 487 14.98 -51.41 0.59
N LEU A 488 15.15 -51.94 -0.63
CA LEU A 488 14.07 -52.02 -1.59
C LEU A 488 13.00 -52.98 -1.05
N VAL A 489 11.78 -52.48 -0.85
CA VAL A 489 10.70 -53.29 -0.30
C VAL A 489 9.64 -53.57 -1.37
N SER A 490 9.59 -52.74 -2.41
CA SER A 490 8.64 -52.97 -3.50
C SER A 490 9.10 -52.20 -4.73
N GLU A 491 8.91 -52.79 -5.91
CA GLU A 491 9.25 -52.13 -7.16
C GLU A 491 8.13 -52.37 -8.17
N TRP A 492 7.63 -51.28 -8.78
CA TRP A 492 6.61 -51.36 -9.80
C TRP A 492 7.21 -51.05 -11.17
N LYS A 493 6.88 -51.89 -12.14
CA LYS A 493 7.19 -51.62 -13.54
C LYS A 493 5.94 -51.75 -14.39
N GLU A 494 5.91 -50.99 -15.49
CA GLU A 494 4.95 -51.21 -16.55
C GLU A 494 5.01 -52.69 -16.97
N PRO A 495 3.90 -53.33 -17.38
CA PRO A 495 3.90 -54.77 -17.67
C PRO A 495 4.96 -55.27 -18.65
N GLN A 496 5.35 -54.43 -19.63
CA GLN A 496 6.41 -54.80 -20.56
C GLN A 496 7.66 -53.95 -20.33
N ALA A 497 7.79 -53.38 -19.13
CA ALA A 497 8.95 -52.62 -18.71
C ALA A 497 9.20 -51.41 -19.63
N LYS A 498 8.13 -50.87 -20.23
CA LYS A 498 8.24 -49.60 -20.95
C LYS A 498 8.63 -48.48 -19.99
N ASN A 499 9.28 -47.44 -20.53
CA ASN A 499 9.71 -46.31 -19.72
C ASN A 499 8.51 -45.57 -19.13
N ILE A 500 8.66 -45.14 -17.88
CA ILE A 500 7.81 -44.10 -17.33
C ILE A 500 8.22 -42.77 -17.96
N SER A 501 7.20 -42.00 -18.39
CA SER A 501 7.41 -40.73 -19.06
C SER A 501 7.07 -39.53 -18.17
N VAL A 502 6.15 -39.69 -17.20
CA VAL A 502 5.73 -38.61 -16.33
C VAL A 502 5.39 -39.22 -14.97
N ALA A 503 5.70 -38.50 -13.89
CA ALA A 503 5.42 -38.99 -12.54
C ALA A 503 4.77 -37.91 -11.68
N SER A 504 3.80 -38.33 -10.87
N SER A 504 3.78 -38.31 -10.88
CA SER A 504 3.24 -37.50 -9.83
CA SER A 504 3.30 -37.47 -9.82
C SER A 504 3.07 -38.36 -8.58
C SER A 504 3.03 -38.34 -8.58
N CYS A 505 3.27 -37.76 -7.41
CA CYS A 505 3.29 -38.54 -6.17
C CYS A 505 2.89 -37.66 -5.00
N ASN A 506 2.15 -38.24 -4.03
CA ASN A 506 1.97 -37.62 -2.73
C ASN A 506 2.41 -38.62 -1.67
N SER A 507 2.00 -38.43 -0.41
CA SER A 507 2.45 -39.34 0.64
C SER A 507 1.91 -40.78 0.44
N SER A 508 0.77 -40.97 -0.23
CA SER A 508 0.15 -42.30 -0.24
C SER A 508 -0.28 -42.75 -1.63
N GLN A 509 -0.16 -41.88 -2.64
CA GLN A 509 -0.67 -42.17 -3.96
C GLN A 509 0.40 -41.84 -5.02
N VAL A 510 0.38 -42.64 -6.10
CA VAL A 510 1.25 -42.40 -7.25
C VAL A 510 0.42 -42.45 -8.52
N VAL A 511 0.68 -41.52 -9.46
CA VAL A 511 0.16 -41.66 -10.81
C VAL A 511 1.32 -41.45 -11.76
N VAL A 512 1.51 -42.43 -12.63
CA VAL A 512 2.60 -42.38 -13.60
C VAL A 512 2.00 -42.54 -14.99
N ALA A 513 2.60 -41.84 -15.96
CA ALA A 513 2.25 -42.04 -17.36
C ALA A 513 3.33 -42.88 -18.02
N VAL A 514 2.89 -43.73 -18.94
CA VAL A 514 3.74 -44.34 -19.95
C VAL A 514 3.14 -44.01 -21.32
N GLY A 515 3.66 -42.95 -21.96
CA GLY A 515 3.10 -42.48 -23.22
C GLY A 515 1.69 -41.93 -23.01
N ARG A 516 0.70 -42.67 -23.49
CA ARG A 516 -0.71 -42.32 -23.34
C ARG A 516 -1.31 -42.99 -22.11
N ALA A 517 -0.61 -43.97 -21.55
CA ALA A 517 -1.17 -44.80 -20.47
C ALA A 517 -0.94 -44.14 -19.12
N LEU A 518 -1.90 -44.31 -18.21
CA LEU A 518 -1.78 -43.84 -16.85
C LEU A 518 -1.96 -45.03 -15.92
N TYR A 519 -1.13 -45.09 -14.88
CA TYR A 519 -1.28 -46.04 -13.79
C TYR A 519 -1.39 -45.32 -12.45
N TYR A 520 -2.37 -45.75 -11.65
CA TYR A 520 -2.56 -45.24 -10.30
C TYR A 520 -2.11 -46.32 -9.31
N LEU A 521 -1.15 -45.97 -8.45
CA LEU A 521 -0.67 -46.87 -7.41
C LEU A 521 -0.99 -46.28 -6.04
N GLN A 522 -1.15 -47.18 -5.05
CA GLN A 522 -1.24 -46.80 -3.66
C GLN A 522 -0.01 -47.33 -2.93
N ILE A 523 0.51 -46.52 -1.99
CA ILE A 523 1.66 -46.86 -1.19
C ILE A 523 1.16 -47.47 0.13
N HIS A 524 1.48 -48.76 0.29
CA HIS A 524 1.10 -49.53 1.44
C HIS A 524 2.38 -50.00 2.11
N PRO A 525 2.34 -50.59 3.32
CA PRO A 525 3.56 -51.13 3.94
C PRO A 525 4.22 -52.17 3.03
N GLN A 526 5.47 -51.91 2.65
CA GLN A 526 6.26 -52.80 1.78
C GLN A 526 5.50 -53.19 0.51
N GLU A 527 4.68 -52.29 -0.03
CA GLU A 527 3.86 -52.65 -1.18
C GLU A 527 3.49 -51.40 -1.99
N LEU A 528 3.86 -51.42 -3.28
CA LEU A 528 3.24 -50.56 -4.28
C LEU A 528 2.08 -51.32 -4.92
N ARG A 529 0.86 -50.91 -4.61
CA ARG A 529 -0.31 -51.62 -5.07
C ARG A 529 -0.92 -50.92 -6.28
N GLN A 530 -0.96 -51.63 -7.43
CA GLN A 530 -1.58 -51.09 -8.64
C GLN A 530 -3.09 -51.14 -8.46
N ILE A 531 -3.74 -49.96 -8.56
CA ILE A 531 -5.17 -49.87 -8.33
C ILE A 531 -5.91 -49.90 -9.66
N SER A 532 -5.44 -49.10 -10.61
CA SER A 532 -6.19 -48.90 -11.83
C SER A 532 -5.26 -48.33 -12.90
N HIS A 533 -5.77 -48.31 -14.14
CA HIS A 533 -5.03 -47.74 -15.25
C HIS A 533 -6.00 -47.34 -16.35
N THR A 534 -5.50 -46.52 -17.28
CA THR A 534 -6.32 -46.12 -18.40
C THR A 534 -5.41 -45.72 -19.55
N GLU A 535 -6.04 -45.52 -20.69
CA GLU A 535 -5.36 -45.03 -21.89
C GLU A 535 -5.95 -43.66 -22.24
N MET A 536 -5.11 -42.61 -22.29
CA MET A 536 -5.62 -41.28 -22.64
C MET A 536 -5.73 -41.15 -24.16
N GLU A 537 -6.57 -40.19 -24.60
CA GLU A 537 -6.81 -39.96 -26.01
C GLU A 537 -5.54 -39.48 -26.70
N HIS A 538 -4.66 -38.85 -25.93
CA HIS A 538 -3.41 -38.32 -26.47
C HIS A 538 -2.28 -38.59 -25.49
N GLU A 539 -1.05 -38.38 -25.97
CA GLU A 539 0.12 -38.52 -25.13
C GLU A 539 0.01 -37.59 -23.91
N VAL A 540 0.52 -38.05 -22.76
CA VAL A 540 0.43 -37.30 -21.53
C VAL A 540 1.64 -36.39 -21.43
N ALA A 541 1.39 -35.11 -21.09
CA ALA A 541 2.42 -34.09 -21.02
C ALA A 541 2.80 -33.81 -19.57
N CYS A 542 1.82 -33.84 -18.66
CA CYS A 542 2.10 -33.49 -17.27
C CYS A 542 0.97 -34.00 -16.38
N LEU A 543 1.27 -34.16 -15.08
CA LEU A 543 0.37 -34.77 -14.09
C LEU A 543 0.50 -34.04 -12.75
N ASP A 544 -0.61 -34.00 -11.99
CA ASP A 544 -0.53 -33.64 -10.58
C ASP A 544 -1.61 -34.34 -9.78
N ILE A 545 -1.25 -34.70 -8.52
CA ILE A 545 -2.18 -35.28 -7.56
C ILE A 545 -1.99 -34.67 -6.16
N THR A 546 -1.71 -33.36 -6.11
CA THR A 546 -1.57 -32.69 -4.84
C THR A 546 -2.92 -32.75 -4.11
N PRO A 547 -2.98 -33.31 -2.88
CA PRO A 547 -4.24 -33.34 -2.15
C PRO A 547 -4.60 -31.96 -1.63
N LEU A 548 -5.88 -31.59 -1.72
CA LEU A 548 -6.35 -30.27 -1.32
C LEU A 548 -7.38 -30.42 -0.20
N GLY A 549 -7.51 -29.38 0.63
CA GLY A 549 -8.59 -29.30 1.61
C GLY A 549 -8.42 -30.27 2.77
N ASP A 550 -9.52 -30.63 3.43
CA ASP A 550 -9.51 -31.57 4.55
C ASP A 550 -9.63 -32.99 4.00
N SER A 551 -8.52 -33.47 3.40
CA SER A 551 -8.53 -34.65 2.55
C SER A 551 -7.67 -35.78 3.14
N ASN A 552 -6.99 -35.49 4.27
CA ASN A 552 -6.16 -36.47 4.97
C ASN A 552 -4.99 -36.95 4.10
N GLY A 553 -4.47 -36.05 3.24
CA GLY A 553 -3.31 -36.34 2.40
C GLY A 553 -3.66 -37.17 1.17
N LEU A 554 -4.96 -37.35 0.90
CA LEU A 554 -5.42 -38.21 -0.18
C LEU A 554 -6.14 -37.36 -1.23
N SER A 555 -5.82 -37.59 -2.50
CA SER A 555 -6.50 -36.88 -3.57
C SER A 555 -7.52 -37.78 -4.25
N PRO A 556 -8.80 -37.34 -4.36
CA PRO A 556 -9.77 -38.01 -5.24
C PRO A 556 -9.65 -37.57 -6.69
N LEU A 557 -8.69 -36.66 -6.98
CA LEU A 557 -8.55 -36.02 -8.29
C LEU A 557 -7.16 -36.26 -8.86
N CYS A 558 -7.10 -36.40 -10.19
CA CYS A 558 -5.86 -36.34 -10.93
C CYS A 558 -5.98 -35.24 -11.98
N ALA A 559 -5.11 -34.23 -11.89
CA ALA A 559 -4.99 -33.22 -12.92
C ALA A 559 -3.98 -33.68 -13.97
N ILE A 560 -4.30 -33.42 -15.25
CA ILE A 560 -3.51 -33.94 -16.35
C ILE A 560 -3.51 -32.93 -17.48
N GLY A 561 -2.34 -32.78 -18.11
CA GLY A 561 -2.20 -32.06 -19.35
C GLY A 561 -1.80 -33.01 -20.49
N LEU A 562 -2.39 -32.78 -21.68
CA LEU A 562 -2.24 -33.67 -22.83
C LEU A 562 -1.61 -32.92 -24.01
N TRP A 563 -0.77 -33.66 -24.77
CA TRP A 563 -0.36 -33.28 -26.11
C TRP A 563 -1.59 -33.12 -27.03
N THR A 564 -1.36 -32.50 -28.20
CA THR A 564 -2.28 -32.52 -29.34
C THR A 564 -3.47 -31.58 -29.11
N ASP A 565 -4.38 -31.90 -28.17
CA ASP A 565 -5.52 -31.03 -27.95
C ASP A 565 -5.22 -29.97 -26.89
N ILE A 566 -3.98 -29.98 -26.36
CA ILE A 566 -3.52 -28.95 -25.43
C ILE A 566 -4.59 -28.79 -24.36
N SER A 567 -5.00 -29.92 -23.77
CA SER A 567 -6.07 -29.92 -22.79
C SER A 567 -5.49 -30.04 -21.39
N ALA A 568 -6.18 -29.37 -20.47
CA ALA A 568 -6.06 -29.59 -19.05
C ALA A 568 -7.34 -30.25 -18.58
N ARG A 569 -7.22 -31.43 -17.95
CA ARG A 569 -8.38 -32.21 -17.57
C ARG A 569 -8.29 -32.54 -16.09
N ILE A 570 -9.45 -32.65 -15.45
CA ILE A 570 -9.57 -33.18 -14.11
C ILE A 570 -10.21 -34.55 -14.22
N LEU A 571 -9.51 -35.56 -13.68
CA LEU A 571 -10.00 -36.94 -13.69
C LEU A 571 -10.27 -37.38 -12.26
N LYS A 572 -11.26 -38.27 -12.10
CA LYS A 572 -11.51 -38.88 -10.81
C LYS A 572 -10.54 -40.04 -10.62
N LEU A 573 -10.08 -40.23 -9.38
CA LEU A 573 -9.39 -41.46 -9.03
C LEU A 573 -10.34 -42.32 -8.20
N PRO A 574 -10.37 -43.67 -8.36
CA PRO A 574 -9.49 -44.43 -9.26
C PRO A 574 -9.92 -44.66 -10.72
N SER A 575 -11.16 -44.30 -11.03
CA SER A 575 -11.78 -44.68 -12.30
C SER A 575 -11.11 -44.00 -13.49
N PHE A 576 -10.52 -42.83 -13.27
CA PHE A 576 -10.02 -41.95 -14.32
C PHE A 576 -11.18 -41.37 -15.16
N GLU A 577 -12.39 -41.34 -14.57
CA GLU A 577 -13.52 -40.69 -15.20
C GLU A 577 -13.21 -39.21 -15.43
N LEU A 578 -13.50 -38.70 -16.64
CA LEU A 578 -13.28 -37.31 -16.95
C LEU A 578 -14.33 -36.46 -16.24
N LEU A 579 -13.91 -35.57 -15.33
CA LEU A 579 -14.81 -34.64 -14.67
C LEU A 579 -14.88 -33.32 -15.44
N HIS A 580 -13.78 -32.90 -16.05
CA HIS A 580 -13.74 -31.60 -16.71
C HIS A 580 -12.59 -31.51 -17.70
N LYS A 581 -12.83 -30.89 -18.85
CA LYS A 581 -11.78 -30.71 -19.84
C LYS A 581 -11.76 -29.24 -20.25
N GLU A 582 -10.56 -28.67 -20.30
CA GLU A 582 -10.37 -27.33 -20.85
C GLU A 582 -9.33 -27.42 -21.94
N MET A 583 -9.65 -26.84 -23.10
CA MET A 583 -8.75 -26.74 -24.23
C MET A 583 -8.07 -25.38 -24.16
N LEU A 584 -6.75 -25.36 -24.12
CA LEU A 584 -6.05 -24.13 -23.83
C LEU A 584 -5.66 -23.41 -25.12
N GLY A 585 -5.84 -24.07 -26.27
CA GLY A 585 -5.56 -23.44 -27.56
C GLY A 585 -4.08 -23.53 -27.93
N GLY A 586 -3.78 -23.26 -29.19
CA GLY A 586 -2.40 -23.18 -29.62
C GLY A 586 -1.86 -24.57 -29.95
N GLU A 587 -0.55 -24.65 -30.17
CA GLU A 587 0.10 -25.90 -30.55
C GLU A 587 1.30 -26.16 -29.65
N ILE A 588 1.34 -25.51 -28.48
CA ILE A 588 2.43 -25.69 -27.55
C ILE A 588 1.88 -26.41 -26.32
N ILE A 589 2.51 -27.53 -25.91
CA ILE A 589 1.91 -28.41 -24.92
C ILE A 589 2.02 -27.82 -23.51
N PRO A 590 1.13 -28.24 -22.61
CA PRO A 590 1.30 -27.97 -21.18
C PRO A 590 2.58 -28.64 -20.69
N ARG A 591 3.33 -27.96 -19.83
CA ARG A 591 4.55 -28.52 -19.28
C ARG A 591 4.41 -28.79 -17.78
N SER A 592 3.60 -27.98 -17.10
CA SER A 592 3.51 -28.07 -15.64
C SER A 592 2.05 -27.90 -15.24
N ILE A 593 1.56 -28.78 -14.36
CA ILE A 593 0.18 -28.65 -13.90
C ILE A 593 0.14 -28.90 -12.39
N LEU A 594 -0.71 -28.15 -11.70
CA LEU A 594 -0.68 -28.13 -10.25
C LEU A 594 -2.04 -27.77 -9.68
N MET A 595 -2.53 -28.61 -8.77
CA MET A 595 -3.67 -28.29 -7.94
C MET A 595 -3.14 -27.64 -6.67
N THR A 596 -3.74 -26.51 -6.28
CA THR A 596 -3.18 -25.69 -5.23
C THR A 596 -4.27 -25.01 -4.41
N THR A 597 -3.92 -24.61 -3.19
CA THR A 597 -4.82 -23.90 -2.29
C THR A 597 -4.16 -22.58 -1.89
N PHE A 598 -4.89 -21.47 -2.05
CA PHE A 598 -4.46 -20.17 -1.58
C PHE A 598 -5.64 -19.47 -0.91
N GLU A 599 -5.40 -18.99 0.33
CA GLU A 599 -6.44 -18.37 1.17
C GLU A 599 -7.71 -19.22 1.14
N SER A 600 -7.55 -20.56 1.24
CA SER A 600 -8.66 -21.50 1.43
C SER A 600 -9.52 -21.66 0.16
N SER A 601 -9.10 -21.06 -0.95
CA SER A 601 -9.70 -21.33 -2.26
C SER A 601 -8.82 -22.31 -3.02
N HIS A 602 -9.41 -23.08 -3.92
CA HIS A 602 -8.67 -24.07 -4.70
C HIS A 602 -8.57 -23.63 -6.14
N TYR A 603 -7.41 -23.94 -6.74
CA TYR A 603 -7.09 -23.53 -8.09
C TYR A 603 -6.38 -24.65 -8.84
N LEU A 604 -6.53 -24.60 -10.16
CA LEU A 604 -5.70 -25.37 -11.06
C LEU A 604 -4.81 -24.38 -11.82
N LEU A 605 -3.50 -24.64 -11.76
CA LEU A 605 -2.49 -23.88 -12.49
C LEU A 605 -1.95 -24.78 -13.59
N CYS A 606 -1.85 -24.22 -14.81
CA CYS A 606 -1.30 -24.98 -15.92
C CYS A 606 -0.44 -24.06 -16.78
N ALA A 607 0.83 -24.44 -16.93
CA ALA A 607 1.80 -23.63 -17.65
C ALA A 607 2.19 -24.32 -18.96
N LEU A 608 2.26 -23.52 -20.04
CA LEU A 608 2.69 -24.01 -21.34
C LEU A 608 4.18 -23.74 -21.56
N GLY A 609 4.73 -24.36 -22.61
CA GLY A 609 6.14 -24.23 -22.94
C GLY A 609 6.54 -22.81 -23.35
N ASP A 610 5.55 -21.93 -23.56
CA ASP A 610 5.75 -20.61 -24.16
C ASP A 610 5.70 -19.50 -23.11
N GLY A 611 5.56 -19.86 -21.82
CA GLY A 611 5.58 -18.89 -20.74
C GLY A 611 4.17 -18.54 -20.26
N ALA A 612 3.15 -19.01 -20.97
CA ALA A 612 1.78 -18.75 -20.56
C ALA A 612 1.43 -19.61 -19.35
N LEU A 613 0.73 -19.00 -18.38
CA LEU A 613 0.16 -19.72 -17.27
C LEU A 613 -1.35 -19.46 -17.29
N PHE A 614 -2.11 -20.55 -17.44
CA PHE A 614 -3.54 -20.53 -17.24
C PHE A 614 -3.83 -20.93 -15.80
N TYR A 615 -4.85 -20.30 -15.21
CA TYR A 615 -5.31 -20.70 -13.90
C TYR A 615 -6.83 -20.64 -13.86
N PHE A 616 -7.39 -21.51 -13.02
CA PHE A 616 -8.83 -21.67 -12.89
C PHE A 616 -9.16 -21.86 -11.41
N GLY A 617 -10.37 -21.44 -11.02
CA GLY A 617 -10.97 -21.95 -9.81
C GLY A 617 -11.26 -23.43 -9.99
N LEU A 618 -10.98 -24.21 -8.95
CA LEU A 618 -11.20 -25.65 -8.98
C LEU A 618 -12.16 -26.02 -7.85
N ASN A 619 -13.28 -26.65 -8.21
CA ASN A 619 -14.19 -27.23 -7.23
C ASN A 619 -13.73 -28.66 -6.93
N ILE A 620 -13.26 -28.92 -5.70
CA ILE A 620 -12.58 -30.19 -5.42
C ILE A 620 -13.61 -31.29 -5.20
N GLU A 621 -14.90 -30.94 -5.18
CA GLU A 621 -15.96 -31.92 -5.03
C GLU A 621 -16.43 -32.43 -6.40
N THR A 622 -16.63 -31.50 -7.35
CA THR A 622 -17.23 -31.86 -8.64
C THR A 622 -16.17 -31.88 -9.74
N GLY A 623 -15.01 -31.28 -9.50
CA GLY A 623 -13.93 -31.26 -10.49
C GLY A 623 -14.08 -30.09 -11.47
N LEU A 624 -15.13 -29.28 -11.29
CA LEU A 624 -15.44 -28.19 -12.21
C LEU A 624 -14.32 -27.16 -12.17
N LEU A 625 -13.85 -26.75 -13.36
CA LEU A 625 -12.93 -25.64 -13.53
C LEU A 625 -13.70 -24.40 -13.96
N SER A 626 -13.36 -23.24 -13.38
CA SER A 626 -14.14 -22.03 -13.61
C SER A 626 -13.22 -20.82 -13.76
N ASP A 627 -13.78 -19.77 -14.40
CA ASP A 627 -13.20 -18.43 -14.50
C ASP A 627 -11.74 -18.46 -14.93
N ARG A 628 -11.50 -19.01 -16.13
CA ARG A 628 -10.16 -19.09 -16.69
C ARG A 628 -9.53 -17.70 -16.65
N LYS A 629 -8.26 -17.66 -16.23
CA LYS A 629 -7.40 -16.51 -16.40
C LYS A 629 -6.09 -16.97 -17.00
N LYS A 630 -5.35 -16.02 -17.58
CA LYS A 630 -4.06 -16.31 -18.20
C LYS A 630 -3.12 -15.14 -17.98
N VAL A 631 -1.90 -15.42 -17.51
CA VAL A 631 -0.82 -14.44 -17.48
C VAL A 631 0.34 -15.02 -18.28
N THR A 632 1.41 -14.22 -18.42
CA THR A 632 2.63 -14.71 -19.05
C THR A 632 3.80 -14.47 -18.09
N LEU A 633 4.62 -15.51 -17.88
CA LEU A 633 5.59 -15.54 -16.80
C LEU A 633 7.00 -15.63 -17.34
N GLY A 634 7.18 -15.34 -18.63
CA GLY A 634 8.43 -15.63 -19.30
C GLY A 634 8.17 -16.02 -20.76
N THR A 635 9.24 -16.43 -21.45
CA THR A 635 9.12 -16.90 -22.82
C THR A 635 9.54 -18.37 -22.90
N GLN A 636 9.99 -18.94 -21.76
CA GLN A 636 10.43 -20.34 -21.69
C GLN A 636 9.36 -21.17 -21.00
N PRO A 637 9.48 -22.52 -21.00
CA PRO A 637 8.61 -23.35 -20.18
C PRO A 637 8.69 -22.88 -18.72
N THR A 638 7.56 -22.93 -18.02
CA THR A 638 7.54 -22.64 -16.59
C THR A 638 7.35 -23.96 -15.84
N VAL A 639 8.14 -24.18 -14.78
CA VAL A 639 7.93 -25.31 -13.88
C VAL A 639 7.47 -24.77 -12.52
N LEU A 640 6.43 -25.39 -11.97
CA LEU A 640 5.76 -24.90 -10.76
C LEU A 640 6.11 -25.82 -9.60
N ARG A 641 6.31 -25.26 -8.41
CA ARG A 641 6.62 -26.06 -7.24
C ARG A 641 6.20 -25.31 -5.98
N THR A 642 5.50 -25.98 -5.06
CA THR A 642 5.04 -25.30 -3.85
C THR A 642 6.23 -25.16 -2.88
N PHE A 643 6.19 -24.12 -2.05
CA PHE A 643 7.08 -24.01 -0.91
C PHE A 643 6.34 -23.28 0.21
N ARG A 644 6.93 -23.32 1.42
CA ARG A 644 6.39 -22.62 2.58
C ARG A 644 7.37 -21.54 3.02
N SER A 645 6.85 -20.33 3.20
CA SER A 645 7.59 -19.30 3.92
C SER A 645 6.61 -18.60 4.86
N LEU A 646 7.06 -18.38 6.10
CA LEU A 646 6.28 -17.69 7.12
C LEU A 646 4.85 -18.25 7.17
N SER A 647 4.74 -19.58 7.23
CA SER A 647 3.48 -20.29 7.49
C SER A 647 2.41 -20.03 6.41
N THR A 648 2.83 -19.75 5.17
CA THR A 648 1.90 -19.82 4.04
C THR A 648 2.55 -20.62 2.91
N THR A 649 1.74 -21.42 2.20
N THR A 649 1.73 -21.41 2.19
CA THR A 649 2.19 -22.17 1.05
CA THR A 649 2.22 -22.20 1.05
C THR A 649 1.99 -21.32 -0.19
C THR A 649 1.98 -21.41 -0.22
N ASN A 650 3.04 -21.21 -1.01
CA ASN A 650 2.97 -20.48 -2.26
C ASN A 650 3.61 -21.33 -3.34
N VAL A 651 3.59 -20.83 -4.58
CA VAL A 651 4.13 -21.57 -5.70
C VAL A 651 5.27 -20.79 -6.32
N PHE A 652 6.41 -21.45 -6.46
CA PHE A 652 7.55 -20.89 -7.15
C PHE A 652 7.51 -21.32 -8.60
N ALA A 653 7.65 -20.36 -9.51
CA ALA A 653 7.59 -20.61 -10.93
C ALA A 653 8.98 -20.39 -11.53
N CYS A 654 9.67 -21.49 -11.89
CA CYS A 654 10.93 -21.42 -12.59
C CYS A 654 10.70 -21.14 -14.06
N SER A 655 11.30 -20.05 -14.53
CA SER A 655 11.40 -19.78 -15.95
C SER A 655 12.60 -18.88 -16.14
N ASP A 656 12.72 -18.26 -17.31
CA ASP A 656 13.70 -17.20 -17.53
C ASP A 656 13.32 -15.95 -16.74
N ARG A 657 12.08 -15.88 -16.25
CA ARG A 657 11.61 -14.80 -15.38
C ARG A 657 11.03 -15.45 -14.12
N PRO A 658 11.87 -15.94 -13.18
CA PRO A 658 11.38 -16.62 -11.97
C PRO A 658 10.42 -15.72 -11.20
N THR A 659 9.34 -16.35 -10.74
CA THR A 659 8.18 -15.66 -10.22
C THR A 659 7.64 -16.43 -9.03
N VAL A 660 7.06 -15.71 -8.07
CA VAL A 660 6.28 -16.37 -7.02
C VAL A 660 4.81 -16.05 -7.24
N ILE A 661 3.99 -17.11 -7.16
CA ILE A 661 2.55 -17.01 -7.29
C ILE A 661 1.98 -17.14 -5.89
N TYR A 662 1.14 -16.18 -5.52
CA TYR A 662 0.55 -16.20 -4.19
C TYR A 662 -0.82 -15.54 -4.23
N SER A 663 -1.45 -15.34 -3.07
CA SER A 663 -2.79 -14.80 -3.04
C SER A 663 -2.84 -13.56 -2.18
N SER A 664 -3.68 -12.62 -2.63
CA SER A 664 -4.02 -11.41 -1.88
C SER A 664 -5.45 -11.01 -2.24
N ASN A 665 -6.28 -10.81 -1.21
CA ASN A 665 -7.67 -10.44 -1.39
C ASN A 665 -8.39 -11.49 -2.25
N HIS A 666 -8.05 -12.77 -2.04
CA HIS A 666 -8.67 -13.90 -2.74
C HIS A 666 -8.49 -13.80 -4.25
N LYS A 667 -7.38 -13.24 -4.69
CA LYS A 667 -7.03 -13.25 -6.11
C LYS A 667 -5.55 -13.58 -6.20
N LEU A 668 -5.15 -14.27 -7.26
CA LEU A 668 -3.76 -14.65 -7.43
C LEU A 668 -2.93 -13.43 -7.82
N VAL A 669 -1.72 -13.38 -7.27
CA VAL A 669 -0.77 -12.32 -7.56
C VAL A 669 0.52 -12.97 -8.02
N PHE A 670 1.29 -12.20 -8.80
CA PHE A 670 2.56 -12.65 -9.35
C PHE A 670 3.60 -11.61 -9.01
N SER A 671 4.73 -12.04 -8.47
CA SER A 671 5.80 -11.13 -8.15
C SER A 671 7.11 -11.72 -8.66
N ASN A 672 7.90 -10.87 -9.32
CA ASN A 672 9.20 -11.27 -9.84
C ASN A 672 10.12 -11.61 -8.67
N VAL A 673 10.89 -12.69 -8.85
CA VAL A 673 12.04 -12.99 -8.01
C VAL A 673 13.27 -12.36 -8.64
N ASN A 674 14.11 -11.72 -7.81
CA ASN A 674 15.26 -10.98 -8.32
C ASN A 674 16.46 -11.93 -8.49
N LEU A 675 16.34 -12.81 -9.48
CA LEU A 675 17.38 -13.75 -9.86
C LEU A 675 17.37 -13.86 -11.37
N LYS A 676 18.51 -14.29 -11.91
CA LYS A 676 18.61 -14.70 -13.30
C LYS A 676 17.87 -16.02 -13.47
N GLU A 677 17.89 -16.56 -14.69
CA GLU A 677 17.11 -17.74 -15.03
C GLU A 677 17.34 -18.84 -13.99
N VAL A 678 16.24 -19.38 -13.45
CA VAL A 678 16.25 -20.56 -12.58
C VAL A 678 15.54 -21.67 -13.34
N ASN A 679 16.17 -22.84 -13.44
CA ASN A 679 15.60 -23.98 -14.15
C ASN A 679 14.78 -24.84 -13.18
N TYR A 680 15.33 -25.11 -11.99
CA TYR A 680 14.70 -26.02 -11.04
C TYR A 680 14.80 -25.44 -9.63
N MET A 681 13.87 -25.85 -8.76
CA MET A 681 13.91 -25.45 -7.37
C MET A 681 13.14 -26.44 -6.51
N CYS A 682 13.49 -26.45 -5.22
CA CYS A 682 12.71 -27.16 -4.24
C CYS A 682 12.89 -26.43 -2.91
N PRO A 683 11.90 -26.53 -2.01
CA PRO A 683 12.10 -26.07 -0.63
C PRO A 683 13.08 -27.02 0.02
N LEU A 684 13.78 -26.52 1.04
CA LEU A 684 14.75 -27.29 1.79
C LEU A 684 14.83 -26.70 3.19
N ASN A 685 14.58 -27.55 4.19
CA ASN A 685 14.59 -27.15 5.58
C ASN A 685 15.47 -28.12 6.37
N SER A 686 16.78 -27.83 6.38
CA SER A 686 17.78 -28.64 7.07
C SER A 686 18.34 -27.86 8.27
N ASP A 687 19.12 -28.57 9.10
CA ASP A 687 19.79 -27.97 10.23
C ASP A 687 20.63 -26.79 9.75
N GLY A 688 21.46 -27.02 8.71
CA GLY A 688 22.39 -26.03 8.21
C GLY A 688 21.72 -24.98 7.34
N TYR A 689 20.62 -25.37 6.68
CA TYR A 689 19.88 -24.49 5.80
C TYR A 689 18.41 -24.50 6.19
N PRO A 690 18.03 -23.88 7.33
CA PRO A 690 16.63 -23.86 7.77
C PRO A 690 15.76 -22.95 6.90
N ASP A 691 14.53 -23.39 6.63
CA ASP A 691 13.54 -22.60 5.94
C ASP A 691 14.13 -21.99 4.67
N SER A 692 14.61 -22.86 3.76
CA SER A 692 15.45 -22.43 2.66
C SER A 692 14.90 -22.93 1.33
N LEU A 693 15.57 -22.53 0.24
CA LEU A 693 15.25 -22.91 -1.14
C LEU A 693 16.53 -23.45 -1.77
N ALA A 694 16.43 -24.56 -2.50
CA ALA A 694 17.49 -24.98 -3.39
C ALA A 694 17.12 -24.59 -4.82
N LEU A 695 18.06 -23.95 -5.53
CA LEU A 695 17.82 -23.40 -6.86
C LEU A 695 18.90 -23.93 -7.80
N ALA A 696 18.53 -24.25 -9.04
CA ALA A 696 19.51 -24.69 -10.02
C ALA A 696 19.27 -23.99 -11.36
N ASN A 697 20.38 -23.60 -12.01
CA ASN A 697 20.38 -23.22 -13.42
C ASN A 697 21.22 -24.25 -14.18
N ASN A 698 21.65 -23.92 -15.40
CA ASN A 698 22.33 -24.89 -16.26
C ASN A 698 23.68 -25.33 -15.65
N SER A 699 24.21 -24.55 -14.72
CA SER A 699 25.60 -24.70 -14.32
C SER A 699 25.78 -24.79 -12.80
N THR A 700 24.81 -24.25 -12.02
CA THR A 700 25.02 -24.00 -10.60
C THR A 700 23.85 -24.52 -9.77
N LEU A 701 24.17 -24.95 -8.54
CA LEU A 701 23.18 -25.18 -7.50
C LEU A 701 23.39 -24.14 -6.40
N THR A 702 22.31 -23.44 -6.02
CA THR A 702 22.34 -22.43 -4.97
C THR A 702 21.44 -22.89 -3.84
N ILE A 703 21.81 -22.56 -2.59
CA ILE A 703 20.90 -22.67 -1.46
C ILE A 703 20.83 -21.32 -0.77
N GLY A 704 19.61 -20.83 -0.53
CA GLY A 704 19.41 -19.51 0.06
C GLY A 704 18.03 -19.41 0.71
N THR A 705 17.78 -18.28 1.41
CA THR A 705 16.46 -17.99 1.95
C THR A 705 15.81 -16.91 1.09
N ILE A 706 14.48 -16.84 1.14
CA ILE A 706 13.74 -15.88 0.34
C ILE A 706 13.13 -14.85 1.27
N ASP A 707 13.01 -13.61 0.76
CA ASP A 707 12.44 -12.50 1.49
C ASP A 707 10.92 -12.67 1.55
N GLU A 708 10.28 -11.74 2.25
CA GLU A 708 8.83 -11.67 2.30
C GLU A 708 8.25 -11.71 0.89
N ILE A 709 7.14 -12.42 0.77
CA ILE A 709 6.44 -12.59 -0.49
C ILE A 709 5.54 -11.38 -0.71
N GLN A 710 6.02 -10.42 -1.50
CA GLN A 710 5.27 -9.22 -1.81
C GLN A 710 5.89 -8.58 -3.04
N LYS A 711 5.17 -7.64 -3.66
CA LYS A 711 5.60 -6.99 -4.89
C LYS A 711 6.81 -6.08 -4.64
N LEU A 712 6.81 -5.37 -3.50
CA LEU A 712 7.79 -4.33 -3.20
C LEU A 712 8.47 -4.67 -1.90
N HIS A 713 9.80 -4.51 -1.88
CA HIS A 713 10.56 -4.62 -0.66
C HIS A 713 10.85 -3.22 -0.12
N ILE A 714 10.65 -3.05 1.20
CA ILE A 714 10.83 -1.77 1.89
C ILE A 714 11.86 -1.95 2.99
N ARG A 715 12.93 -1.16 2.92
CA ARG A 715 13.84 -1.03 4.03
C ARG A 715 13.57 0.30 4.72
N THR A 716 13.60 0.27 6.06
CA THR A 716 13.30 1.44 6.86
C THR A 716 14.56 1.91 7.59
N VAL A 717 14.84 3.21 7.48
CA VAL A 717 15.89 3.90 8.22
C VAL A 717 15.23 4.89 9.18
N PRO A 718 15.07 4.55 10.47
CA PRO A 718 14.51 5.48 11.45
C PRO A 718 15.39 6.70 11.66
N LEU A 719 14.78 7.89 11.68
CA LEU A 719 15.49 9.13 11.96
C LEU A 719 15.04 9.74 13.28
N TYR A 720 13.82 9.37 13.76
CA TYR A 720 13.27 9.88 15.02
C TYR A 720 13.08 11.40 14.94
N GLU A 721 13.08 11.97 13.72
CA GLU A 721 12.72 13.35 13.48
C GLU A 721 12.19 13.46 12.05
N SER A 722 11.74 14.66 11.65
CA SER A 722 10.99 14.84 10.41
C SER A 722 11.95 15.07 9.25
N PRO A 723 12.08 14.14 8.27
CA PRO A 723 12.80 14.45 7.03
C PRO A 723 11.94 15.33 6.12
N ARG A 724 12.59 16.24 5.38
CA ARG A 724 11.88 17.26 4.63
C ARG A 724 12.24 17.20 3.15
N LYS A 725 13.51 16.97 2.83
CA LYS A 725 13.98 16.90 1.45
C LYS A 725 15.15 15.94 1.35
N ILE A 726 15.37 15.38 0.13
CA ILE A 726 16.45 14.46 -0.12
C ILE A 726 17.06 14.74 -1.50
N CYS A 727 18.37 14.55 -1.60
N CYS A 727 18.38 14.58 -1.57
CA CYS A 727 19.07 14.54 -2.87
CA CYS A 727 19.12 14.53 -2.81
C CYS A 727 20.22 13.55 -2.77
C CYS A 727 20.12 13.39 -2.75
N TYR A 728 20.61 13.00 -3.93
CA TYR A 728 21.68 12.03 -4.02
C TYR A 728 22.95 12.68 -4.59
N GLN A 729 24.09 12.35 -3.99
CA GLN A 729 25.39 12.83 -4.46
C GLN A 729 26.30 11.64 -4.77
N GLU A 730 26.31 11.24 -6.05
CA GLU A 730 27.00 10.05 -6.48
C GLU A 730 28.49 10.08 -6.14
N VAL A 731 29.13 11.23 -6.27
CA VAL A 731 30.58 11.27 -6.12
C VAL A 731 30.95 11.04 -4.66
N SER A 732 30.01 11.29 -3.74
CA SER A 732 30.23 11.15 -2.30
C SER A 732 29.67 9.83 -1.79
N GLN A 733 28.88 9.15 -2.62
CA GLN A 733 28.21 7.91 -2.27
C GLN A 733 27.34 8.12 -1.03
N CYS A 734 26.58 9.21 -1.03
N CYS A 734 26.66 9.28 -0.99
CA CYS A 734 25.73 9.51 0.09
CA CYS A 734 25.83 9.68 0.13
C CYS A 734 24.54 10.34 -0.37
C CYS A 734 24.56 10.37 -0.37
N PHE A 735 23.56 10.44 0.51
CA PHE A 735 22.42 11.30 0.34
C PHE A 735 22.59 12.50 1.24
N GLY A 736 22.07 13.64 0.83
CA GLY A 736 21.82 14.73 1.73
C GLY A 736 20.34 14.78 2.05
N VAL A 737 20.02 14.98 3.33
CA VAL A 737 18.63 14.99 3.77
C VAL A 737 18.44 16.20 4.69
N LEU A 738 17.48 17.05 4.35
CA LEU A 738 17.05 18.12 5.26
C LEU A 738 16.10 17.51 6.28
N SER A 739 16.27 17.85 7.56
CA SER A 739 15.43 17.33 8.61
C SER A 739 15.14 18.43 9.61
N SER A 740 14.05 18.27 10.36
CA SER A 740 13.82 19.15 11.49
C SER A 740 13.41 18.32 12.70
N ARG A 741 13.81 18.82 13.87
CA ARG A 741 13.42 18.27 15.15
C ARG A 741 12.81 19.38 15.98
N ILE A 742 11.85 18.99 16.81
CA ILE A 742 11.20 19.92 17.72
C ILE A 742 12.01 20.02 19.01
N GLU A 743 12.27 21.25 19.45
CA GLU A 743 12.82 21.48 20.77
C GLU A 743 11.89 22.42 21.52
N VAL A 744 12.01 22.40 22.85
CA VAL A 744 11.14 23.17 23.72
C VAL A 744 11.99 24.27 24.39
N GLN A 745 11.47 25.51 24.32
CA GLN A 745 12.15 26.70 24.81
C GLN A 745 11.78 26.94 26.26
N ASP A 746 12.76 27.42 27.05
CA ASP A 746 12.55 27.77 28.45
C ASP A 746 12.43 29.29 28.59
N THR A 747 12.19 29.77 29.83
CA THR A 747 11.91 31.18 30.10
C THR A 747 13.14 32.04 29.84
N SER A 748 14.31 31.38 29.69
CA SER A 748 15.56 32.06 29.44
C SER A 748 16.01 31.84 27.99
N GLY A 749 17.30 32.01 27.71
CA GLY A 749 17.84 31.73 26.39
C GLY A 749 18.28 30.26 26.24
N GLY A 750 17.33 29.34 26.00
CA GLY A 750 17.68 27.94 25.75
C GLY A 750 16.50 27.11 25.21
N THR A 751 16.83 26.11 24.38
CA THR A 751 15.85 25.10 23.95
C THR A 751 16.43 23.70 24.18
N THR A 752 15.54 22.72 24.41
CA THR A 752 15.94 21.34 24.71
C THR A 752 15.18 20.37 23.83
N ALA A 753 15.91 19.34 23.36
CA ALA A 753 15.37 18.29 22.50
C ALA A 753 14.49 17.34 23.29
N LEU A 754 13.52 16.70 22.62
CA LEU A 754 12.56 15.81 23.27
C LEU A 754 13.14 14.40 23.38
N ARG A 755 14.13 14.10 22.54
CA ARG A 755 14.67 12.76 22.39
C ARG A 755 15.92 12.82 21.51
N PRO A 756 16.83 11.83 21.53
CA PRO A 756 17.86 11.72 20.52
C PRO A 756 17.21 11.41 19.17
N SER A 757 17.88 11.89 18.10
CA SER A 757 17.42 11.67 16.75
C SER A 757 18.61 11.82 15.81
N ALA A 758 18.37 11.68 14.50
CA ALA A 758 19.44 11.61 13.50
C ALA A 758 20.38 12.83 13.59
N SER A 759 19.81 14.02 13.75
CA SER A 759 20.59 15.24 13.77
C SER A 759 21.41 15.39 15.06
N THR A 760 21.07 14.65 16.14
CA THR A 760 21.81 14.74 17.38
C THR A 760 22.73 13.52 17.56
N GLN A 761 22.67 12.56 16.63
CA GLN A 761 23.43 11.32 16.78
C GLN A 761 24.34 11.05 15.58
N ALA A 762 24.75 12.09 14.86
CA ALA A 762 25.68 11.92 13.75
C ALA A 762 27.08 11.64 14.25
N LEU A 763 27.92 11.05 13.37
CA LEU A 763 29.31 10.78 13.71
C LEU A 763 30.04 12.08 14.00
N SER A 764 29.82 13.07 13.14
CA SER A 764 30.37 14.40 13.33
C SER A 764 29.28 15.43 13.08
N SER A 765 29.50 16.64 13.60
CA SER A 765 28.51 17.68 13.44
C SER A 765 29.16 19.05 13.35
N SER A 766 28.39 19.98 12.78
CA SER A 766 28.78 21.37 12.63
C SER A 766 27.54 22.24 12.79
N VAL A 767 27.74 23.55 13.01
CA VAL A 767 26.66 24.51 13.19
C VAL A 767 26.97 25.78 12.39
N SER A 768 25.93 26.52 11.99
CA SER A 768 26.08 27.84 11.40
C SER A 768 26.30 28.85 12.52
N SER A 769 27.02 29.93 12.24
CA SER A 769 27.22 30.98 13.24
C SER A 769 26.71 32.33 12.71
N HIS A 780 0.75 20.09 16.19
CA HIS A 780 2.04 20.28 16.90
C HIS A 780 2.34 19.05 17.76
N GLU A 781 3.64 18.78 17.97
CA GLU A 781 4.11 17.62 18.72
C GLU A 781 3.84 17.82 20.23
N THR A 782 3.95 19.08 20.67
CA THR A 782 3.77 19.44 22.05
C THR A 782 2.65 20.47 22.12
N SER A 783 2.09 20.67 23.32
CA SER A 783 0.94 21.52 23.54
C SER A 783 1.36 22.88 24.10
N GLU A 786 6.21 27.93 22.63
CA GLU A 786 7.22 27.20 23.44
C GLU A 786 8.05 26.29 22.54
N GLU A 787 7.42 25.75 21.50
CA GLU A 787 8.03 24.80 20.59
C GLU A 787 8.85 25.54 19.54
N VAL A 788 10.02 24.99 19.19
CA VAL A 788 10.80 25.51 18.09
C VAL A 788 11.24 24.35 17.21
N GLU A 789 11.32 24.60 15.89
CA GLU A 789 11.90 23.67 14.94
C GLU A 789 13.37 24.02 14.77
N VAL A 790 14.22 23.00 14.85
CA VAL A 790 15.63 23.15 14.62
C VAL A 790 15.94 22.33 13.37
N HIS A 791 16.48 22.99 12.35
CA HIS A 791 16.69 22.34 11.06
C HIS A 791 18.15 21.98 10.89
N ASN A 792 18.35 20.93 10.08
CA ASN A 792 19.64 20.30 9.86
C ASN A 792 19.76 19.83 8.40
N LEU A 793 21.01 19.76 7.90
CA LEU A 793 21.35 18.96 6.74
C LEU A 793 22.10 17.72 7.22
N LEU A 794 21.52 16.54 6.94
CA LEU A 794 22.12 15.25 7.27
C LEU A 794 22.84 14.71 6.04
N ILE A 795 24.04 14.16 6.25
CA ILE A 795 24.75 13.41 5.22
C ILE A 795 24.72 11.94 5.62
N ILE A 796 24.08 11.12 4.75
CA ILE A 796 23.77 9.74 5.05
C ILE A 796 24.43 8.81 4.02
N ASP A 797 25.13 7.80 4.54
CA ASP A 797 25.86 6.84 3.73
C ASP A 797 24.88 6.02 2.90
N GLN A 798 25.17 5.83 1.61
CA GLN A 798 24.19 5.20 0.73
C GLN A 798 24.10 3.68 0.94
N HIS A 799 25.12 3.09 1.59
CA HIS A 799 25.17 1.65 1.81
C HIS A 799 24.66 1.29 3.22
N THR A 800 25.13 2.02 4.25
CA THR A 800 24.79 1.68 5.63
C THR A 800 23.63 2.54 6.15
N PHE A 801 23.35 3.65 5.47
CA PHE A 801 22.38 4.64 5.91
C PHE A 801 22.70 5.16 7.31
N GLU A 802 23.98 5.10 7.69
CA GLU A 802 24.50 5.76 8.88
C GLU A 802 24.50 7.27 8.67
N VAL A 803 24.24 8.02 9.74
CA VAL A 803 24.32 9.47 9.70
C VAL A 803 25.77 9.88 9.92
N LEU A 804 26.46 10.25 8.84
CA LEU A 804 27.89 10.54 8.88
C LEU A 804 28.13 11.94 9.43
N HIS A 805 27.23 12.88 9.10
CA HIS A 805 27.40 14.27 9.51
C HIS A 805 26.04 14.95 9.58
N ALA A 806 25.92 15.88 10.52
CA ALA A 806 24.75 16.74 10.63
C ALA A 806 25.24 18.17 10.77
N HIS A 807 24.71 19.05 9.92
CA HIS A 807 24.93 20.49 10.02
C HIS A 807 23.66 21.19 10.46
N GLN A 808 23.74 21.95 11.58
CA GLN A 808 22.57 22.64 12.11
C GLN A 808 22.51 24.09 11.60
N PHE A 809 21.31 24.52 11.20
CA PHE A 809 21.09 25.88 10.70
C PHE A 809 20.88 26.84 11.87
N LEU A 810 20.72 28.13 11.55
CA LEU A 810 20.59 29.16 12.54
C LEU A 810 19.27 29.02 13.28
N GLN A 811 19.20 29.67 14.44
CA GLN A 811 17.95 29.77 15.18
C GLN A 811 16.90 30.42 14.28
N ASN A 812 15.74 29.77 14.17
CA ASN A 812 14.60 30.26 13.40
C ASN A 812 14.86 30.17 11.90
N GLU A 813 15.91 29.45 11.49
CA GLU A 813 16.16 29.24 10.09
C GLU A 813 15.57 27.90 9.68
N TYR A 814 14.64 27.94 8.70
CA TYR A 814 14.01 26.75 8.14
C TYR A 814 14.67 26.44 6.81
N ALA A 815 15.12 25.17 6.66
CA ALA A 815 15.69 24.67 5.44
C ALA A 815 14.57 24.15 4.53
N LEU A 816 14.46 24.72 3.31
CA LEU A 816 13.31 24.50 2.43
C LEU A 816 13.71 23.74 1.17
N SER A 817 14.94 23.94 0.69
CA SER A 817 15.31 23.43 -0.63
C SER A 817 16.74 22.88 -0.56
N LEU A 818 16.99 21.93 -1.45
CA LEU A 818 18.18 21.12 -1.41
C LEU A 818 18.48 20.65 -2.82
N VAL A 819 19.74 20.80 -3.24
N VAL A 819 19.74 20.82 -3.24
CA VAL A 819 20.19 20.22 -4.50
CA VAL A 819 20.22 20.27 -4.49
C VAL A 819 21.65 19.82 -4.35
C VAL A 819 21.65 19.76 -4.28
N SER A 820 22.06 18.78 -5.10
CA SER A 820 23.45 18.37 -5.22
C SER A 820 23.87 18.57 -6.68
N CYS A 821 24.90 19.38 -6.92
CA CYS A 821 25.29 19.66 -8.29
C CYS A 821 26.67 20.28 -8.36
N LYS A 822 27.21 20.29 -9.59
CA LYS A 822 28.34 21.12 -9.97
C LYS A 822 27.83 22.39 -10.64
N LEU A 823 28.63 23.46 -10.53
CA LEU A 823 28.32 24.75 -11.13
C LEU A 823 29.54 25.26 -11.90
N GLY A 824 29.26 26.02 -12.96
CA GLY A 824 30.28 26.79 -13.67
C GLY A 824 31.41 25.90 -14.15
N LYS A 825 32.65 26.37 -13.96
CA LYS A 825 33.81 25.64 -14.39
C LYS A 825 34.45 24.94 -13.19
N ASP A 826 33.72 24.85 -12.08
CA ASP A 826 34.24 24.29 -10.85
C ASP A 826 33.96 22.78 -10.86
N PRO A 827 35.00 21.91 -10.74
CA PRO A 827 34.81 20.46 -10.81
C PRO A 827 34.17 19.82 -9.57
N ASN A 828 34.09 20.58 -8.46
CA ASN A 828 33.54 20.05 -7.22
C ASN A 828 32.03 19.88 -7.35
N THR A 829 31.50 18.88 -6.62
CA THR A 829 30.06 18.73 -6.45
C THR A 829 29.67 19.20 -5.04
N TYR A 830 28.63 20.04 -4.97
CA TYR A 830 28.23 20.67 -3.71
C TYR A 830 26.83 20.21 -3.28
N PHE A 831 26.59 20.27 -1.98
CA PHE A 831 25.23 20.28 -1.46
C PHE A 831 24.85 21.74 -1.26
N ILE A 832 23.76 22.16 -1.89
CA ILE A 832 23.30 23.52 -1.77
C ILE A 832 21.92 23.54 -1.10
N VAL A 833 21.76 24.43 -0.13
CA VAL A 833 20.55 24.50 0.67
C VAL A 833 19.99 25.93 0.61
N GLY A 834 18.66 26.02 0.42
CA GLY A 834 17.93 27.27 0.50
C GLY A 834 17.04 27.29 1.74
N THR A 835 17.03 28.44 2.43
CA THR A 835 16.37 28.58 3.71
C THR A 835 15.46 29.80 3.73
N ALA A 836 14.69 29.90 4.83
CA ALA A 836 13.93 31.07 5.21
C ALA A 836 14.15 31.35 6.69
N MET A 837 14.26 32.65 7.05
CA MET A 837 14.20 33.06 8.45
C MET A 837 12.76 33.31 8.81
N VAL A 838 12.25 32.56 9.80
CA VAL A 838 10.83 32.56 10.11
C VAL A 838 10.59 33.32 11.42
N TYR A 839 9.77 34.37 11.35
CA TYR A 839 9.42 35.21 12.49
C TYR A 839 7.89 35.27 12.60
N PRO A 840 7.32 35.33 13.82
CA PRO A 840 5.88 35.08 13.99
C PRO A 840 4.94 36.09 13.34
N GLU A 841 5.35 37.36 13.26
CA GLU A 841 4.50 38.44 12.77
C GLU A 841 4.52 38.49 11.24
N GLU A 842 5.47 37.78 10.60
CA GLU A 842 5.67 37.91 9.17
C GLU A 842 4.69 36.99 8.43
N ALA A 843 3.87 37.60 7.56
CA ALA A 843 2.94 36.86 6.71
C ALA A 843 3.71 35.86 5.88
N GLU A 844 4.81 36.33 5.30
CA GLU A 844 5.79 35.47 4.67
C GLU A 844 7.18 35.95 5.09
N PRO A 845 8.21 35.10 4.93
CA PRO A 845 9.59 35.50 5.22
C PRO A 845 10.13 36.63 4.35
N LYS A 846 10.98 37.47 4.96
CA LYS A 846 11.62 38.59 4.31
C LYS A 846 13.13 38.37 4.27
N GLN A 847 13.56 37.18 4.66
CA GLN A 847 14.97 36.89 4.80
C GLN A 847 15.19 35.39 4.66
N GLY A 848 16.27 35.03 3.97
CA GLY A 848 16.65 33.64 3.79
C GLY A 848 18.11 33.60 3.35
N ARG A 849 18.62 32.39 3.13
CA ARG A 849 19.98 32.20 2.66
C ARG A 849 20.01 31.08 1.61
N ILE A 850 21.00 31.17 0.71
CA ILE A 850 21.51 30.03 -0.04
C ILE A 850 22.92 29.72 0.44
N VAL A 851 23.12 28.46 0.87
CA VAL A 851 24.38 28.04 1.44
C VAL A 851 24.93 26.89 0.60
N VAL A 852 26.19 27.04 0.18
CA VAL A 852 26.87 26.07 -0.64
C VAL A 852 27.87 25.33 0.24
N PHE A 853 27.67 24.01 0.37
CA PHE A 853 28.46 23.14 1.23
C PHE A 853 29.26 22.14 0.40
N GLN A 854 30.44 21.80 0.89
CA GLN A 854 31.23 20.76 0.30
C GLN A 854 31.39 19.66 1.33
N TYR A 855 31.07 18.42 0.93
CA TYR A 855 31.29 17.28 1.78
C TYR A 855 32.61 16.65 1.41
N SER A 856 33.58 16.77 2.32
CA SER A 856 34.94 16.22 2.19
C SER A 856 35.39 15.66 3.54
N ASP A 857 36.05 14.49 3.50
CA ASP A 857 36.73 13.94 4.67
C ASP A 857 35.78 13.89 5.86
N GLY A 858 34.56 13.41 5.64
CA GLY A 858 33.64 13.11 6.72
C GLY A 858 32.93 14.36 7.27
N LYS A 859 33.21 15.54 6.70
CA LYS A 859 32.55 16.75 7.21
C LYS A 859 32.07 17.66 6.07
N LEU A 860 31.07 18.47 6.44
CA LEU A 860 30.50 19.51 5.60
C LEU A 860 31.25 20.79 5.89
N GLN A 861 31.75 21.45 4.84
CA GLN A 861 32.33 22.78 4.96
C GLN A 861 31.49 23.78 4.17
N THR A 862 31.35 24.99 4.72
CA THR A 862 30.64 26.07 4.04
C THR A 862 31.58 26.72 3.03
N VAL A 863 31.23 26.60 1.76
CA VAL A 863 32.05 27.15 0.71
C VAL A 863 31.61 28.59 0.43
N ALA A 864 30.31 28.85 0.44
CA ALA A 864 29.80 30.19 0.18
C ALA A 864 28.37 30.31 0.69
N GLU A 865 28.00 31.54 1.01
CA GLU A 865 26.65 31.88 1.44
C GLU A 865 26.16 33.09 0.66
N LYS A 866 24.85 33.21 0.54
CA LYS A 866 24.21 34.35 -0.08
C LYS A 866 22.94 34.68 0.71
N GLU A 867 22.86 35.90 1.23
CA GLU A 867 21.67 36.40 1.90
C GLU A 867 20.70 36.89 0.82
N VAL A 868 19.45 36.45 0.94
CA VAL A 868 18.38 36.91 0.06
C VAL A 868 17.22 37.42 0.90
N LYS A 869 16.34 38.19 0.28
CA LYS A 869 15.28 38.83 1.02
C LYS A 869 13.99 38.03 0.85
N GLY A 870 14.04 36.75 1.19
CA GLY A 870 12.83 35.94 1.18
C GLY A 870 13.14 34.46 1.39
N ALA A 871 12.09 33.65 1.28
CA ALA A 871 12.22 32.21 1.46
C ALA A 871 12.68 31.59 0.14
N VAL A 872 13.69 30.71 0.22
CA VAL A 872 14.19 29.98 -0.95
C VAL A 872 13.46 28.63 -1.07
N TYR A 873 12.32 28.65 -1.76
CA TYR A 873 11.37 27.54 -1.77
C TYR A 873 11.88 26.36 -2.58
N SER A 874 12.60 26.65 -3.68
CA SER A 874 12.95 25.65 -4.66
C SER A 874 14.25 26.04 -5.34
N MET A 875 15.12 25.05 -5.61
CA MET A 875 16.34 25.28 -6.38
C MET A 875 16.58 24.11 -7.32
N VAL A 876 17.12 24.41 -8.50
N VAL A 876 17.13 24.39 -8.49
CA VAL A 876 17.41 23.40 -9.51
CA VAL A 876 17.44 23.33 -9.45
C VAL A 876 18.72 23.76 -10.18
C VAL A 876 18.70 23.74 -10.20
N GLU A 877 19.55 22.76 -10.47
CA GLU A 877 20.69 22.96 -11.37
C GLU A 877 20.16 23.25 -12.77
N PHE A 878 20.79 24.21 -13.45
CA PHE A 878 20.29 24.69 -14.72
C PHE A 878 21.49 25.11 -15.57
N ASN A 879 21.96 24.16 -16.39
CA ASN A 879 22.95 24.43 -17.43
C ASN A 879 24.22 25.00 -16.80
N GLY A 880 24.64 24.40 -15.68
CA GLY A 880 25.82 24.83 -14.95
C GLY A 880 25.62 26.09 -14.11
N LYS A 881 24.35 26.54 -14.00
CA LYS A 881 23.98 27.65 -13.14
C LYS A 881 23.00 27.17 -12.08
N LEU A 882 22.67 28.05 -11.12
CA LEU A 882 21.74 27.72 -10.05
C LEU A 882 20.46 28.54 -10.19
N LEU A 883 19.34 27.84 -10.38
CA LEU A 883 18.03 28.46 -10.46
C LEU A 883 17.34 28.33 -9.11
N ALA A 884 16.80 29.44 -8.62
CA ALA A 884 16.17 29.45 -7.30
C ALA A 884 14.88 30.25 -7.37
N SER A 885 13.86 29.80 -6.63
CA SER A 885 12.68 30.62 -6.41
C SER A 885 12.70 31.16 -4.99
N ILE A 886 12.42 32.47 -4.87
CA ILE A 886 12.55 33.25 -3.65
C ILE A 886 11.34 34.15 -3.57
N ASN A 887 10.43 33.82 -2.64
CA ASN A 887 9.16 34.52 -2.53
C ASN A 887 8.52 34.54 -3.93
N SER A 888 8.30 35.75 -4.48
CA SER A 888 7.59 35.91 -5.72
C SER A 888 8.55 36.05 -6.92
N THR A 889 9.80 35.62 -6.74
N THR A 889 9.84 35.79 -6.71
CA THR A 889 10.84 35.88 -7.72
CA THR A 889 10.79 35.91 -7.80
C THR A 889 11.51 34.58 -8.14
C THR A 889 11.30 34.52 -8.20
N VAL A 890 11.80 34.45 -9.44
CA VAL A 890 12.62 33.35 -9.91
C VAL A 890 13.94 33.95 -10.39
N ARG A 891 15.04 33.38 -9.90
CA ARG A 891 16.36 33.98 -10.07
C ARG A 891 17.36 32.95 -10.55
N LEU A 892 18.18 33.35 -11.53
CA LEU A 892 19.26 32.51 -12.01
C LEU A 892 20.59 33.07 -11.53
N TYR A 893 21.36 32.22 -10.87
CA TYR A 893 22.68 32.59 -10.36
C TYR A 893 23.80 31.91 -11.14
N GLU A 894 24.90 32.64 -11.33
CA GLU A 894 26.13 32.05 -11.84
C GLU A 894 27.12 31.85 -10.70
N TRP A 895 27.89 30.77 -10.80
CA TRP A 895 29.02 30.49 -9.92
C TRP A 895 30.29 31.08 -10.52
N THR A 896 30.84 32.10 -9.84
CA THR A 896 31.97 32.87 -10.35
C THR A 896 33.26 32.17 -10.00
N THR A 897 34.36 32.74 -10.50
CA THR A 897 35.70 32.21 -10.25
C THR A 897 36.08 32.35 -8.78
N GLU A 898 35.43 33.27 -8.04
CA GLU A 898 35.71 33.45 -6.62
C GLU A 898 34.79 32.56 -5.74
N LYS A 899 34.13 31.59 -6.37
CA LYS A 899 33.25 30.65 -5.67
C LYS A 899 32.20 31.43 -4.89
N GLU A 900 31.48 32.28 -5.61
CA GLU A 900 30.37 33.04 -5.09
C GLU A 900 29.25 32.93 -6.10
N LEU A 901 28.02 32.96 -5.60
CA LEU A 901 26.85 33.04 -6.46
C LEU A 901 26.61 34.49 -6.82
N ARG A 902 26.25 34.72 -8.09
CA ARG A 902 25.97 36.04 -8.58
C ARG A 902 24.75 36.03 -9.50
N THR A 903 23.79 36.94 -9.21
CA THR A 903 22.55 36.99 -9.97
C THR A 903 22.84 37.34 -11.43
N GLU A 904 22.28 36.54 -12.36
CA GLU A 904 22.29 36.82 -13.78
C GLU A 904 21.00 37.54 -14.16
N CYS A 905 19.84 36.97 -13.81
CA CYS A 905 18.56 37.51 -14.24
C CYS A 905 17.44 37.10 -13.28
N ASN A 906 16.30 37.82 -13.37
CA ASN A 906 15.19 37.63 -12.43
C ASN A 906 13.88 37.65 -13.20
N HIS A 907 12.91 36.88 -12.70
CA HIS A 907 11.52 36.98 -13.10
C HIS A 907 10.69 37.31 -11.87
N TYR A 908 9.74 38.24 -12.03
CA TYR A 908 9.04 38.83 -10.89
C TYR A 908 7.54 38.55 -10.89
N ASN A 909 7.00 37.99 -11.97
CA ASN A 909 5.56 37.89 -12.18
C ASN A 909 4.99 36.60 -11.57
N ASN A 910 5.04 36.52 -10.25
CA ASN A 910 4.57 35.38 -9.48
C ASN A 910 3.89 35.92 -8.24
N ILE A 911 3.04 35.10 -7.57
CA ILE A 911 2.58 35.43 -6.23
C ILE A 911 3.54 34.82 -5.21
N MET A 912 3.82 33.53 -5.39
CA MET A 912 4.74 32.80 -4.54
C MET A 912 5.19 31.56 -5.32
N ALA A 913 6.44 31.64 -5.81
CA ALA A 913 7.03 30.65 -6.67
C ALA A 913 7.56 29.49 -5.84
N LEU A 914 6.71 28.48 -5.70
CA LEU A 914 6.95 27.37 -4.77
C LEU A 914 7.75 26.25 -5.39
N TYR A 915 7.55 25.99 -6.70
CA TYR A 915 8.01 24.75 -7.33
C TYR A 915 8.67 25.10 -8.67
N LEU A 916 9.86 24.53 -8.90
CA LEU A 916 10.56 24.62 -10.18
C LEU A 916 10.87 23.22 -10.71
N LYS A 917 10.76 23.05 -12.04
CA LYS A 917 11.42 22.00 -12.78
C LYS A 917 11.96 22.62 -14.07
N THR A 918 12.97 21.96 -14.67
CA THR A 918 13.55 22.50 -15.90
C THR A 918 13.75 21.37 -16.90
N LYS A 919 13.83 21.76 -18.17
CA LYS A 919 14.20 20.88 -19.28
C LYS A 919 14.79 21.76 -20.37
N GLY A 920 16.05 21.49 -20.73
CA GLY A 920 16.77 22.40 -21.62
C GLY A 920 16.79 23.81 -21.03
N ASP A 921 16.36 24.79 -21.84
CA ASP A 921 16.31 26.18 -21.41
C ASP A 921 14.93 26.55 -20.88
N PHE A 922 14.04 25.57 -20.78
CA PHE A 922 12.67 25.80 -20.31
C PHE A 922 12.57 25.57 -18.80
N ILE A 923 11.74 26.40 -18.17
CA ILE A 923 11.55 26.37 -16.72
C ILE A 923 10.05 26.36 -16.48
N LEU A 924 9.59 25.38 -15.68
CA LEU A 924 8.21 25.29 -15.26
C LEU A 924 8.12 25.74 -13.81
N VAL A 925 7.27 26.74 -13.58
CA VAL A 925 7.12 27.39 -12.29
C VAL A 925 5.73 27.06 -11.76
N GLY A 926 5.69 26.55 -10.54
CA GLY A 926 4.43 26.30 -9.84
C GLY A 926 4.23 27.34 -8.75
N ASP A 927 3.07 27.99 -8.80
CA ASP A 927 2.74 29.10 -7.94
C ASP A 927 1.81 28.63 -6.82
N LEU A 928 1.84 29.36 -5.69
CA LEU A 928 0.90 29.13 -4.60
C LEU A 928 -0.53 29.08 -5.11
N MET A 929 -0.95 30.06 -5.93
CA MET A 929 -2.36 30.17 -6.29
C MET A 929 -2.64 30.35 -7.79
N ARG A 930 -1.64 30.68 -8.62
N ARG A 930 -1.59 30.58 -8.60
CA ARG A 930 -1.92 30.90 -10.04
CA ARG A 930 -1.75 30.94 -10.01
C ARG A 930 -1.24 29.83 -10.89
C ARG A 930 -1.28 29.81 -10.94
N SER A 931 -1.45 28.56 -10.53
CA SER A 931 -1.14 27.43 -11.38
C SER A 931 0.32 27.46 -11.85
N VAL A 932 0.54 27.16 -13.13
CA VAL A 932 1.90 26.98 -13.65
C VAL A 932 2.21 28.02 -14.72
N LEU A 933 3.51 28.26 -14.90
CA LEU A 933 4.04 29.26 -15.80
C LEU A 933 5.27 28.66 -16.48
N LEU A 934 5.40 28.93 -17.77
CA LEU A 934 6.54 28.47 -18.55
C LEU A 934 7.44 29.66 -18.88
N LEU A 935 8.71 29.56 -18.43
CA LEU A 935 9.77 30.53 -18.73
C LEU A 935 10.73 29.91 -19.71
N ALA A 936 11.38 30.73 -20.52
CA ALA A 936 12.57 30.29 -21.20
C ALA A 936 13.72 31.19 -20.80
N TYR A 937 14.89 30.58 -20.55
CA TYR A 937 16.13 31.32 -20.45
C TYR A 937 16.58 31.57 -21.88
N LYS A 938 16.98 32.82 -22.16
CA LYS A 938 17.36 33.25 -23.49
C LYS A 938 18.86 33.47 -23.51
N PRO A 939 19.65 32.48 -23.98
CA PRO A 939 21.11 32.50 -23.79
C PRO A 939 21.81 33.68 -24.45
N MET A 940 21.22 34.21 -25.51
CA MET A 940 21.87 35.29 -26.21
C MET A 940 21.41 36.64 -25.67
N GLU A 941 20.54 36.65 -24.66
CA GLU A 941 20.15 37.91 -24.04
C GLU A 941 20.46 37.93 -22.54
N GLY A 942 20.73 36.76 -21.95
CA GLY A 942 21.07 36.67 -20.55
C GLY A 942 19.88 37.03 -19.65
N ASN A 943 18.66 36.65 -20.07
CA ASN A 943 17.48 36.97 -19.30
C ASN A 943 16.39 35.92 -19.54
N PHE A 944 15.29 36.02 -18.79
CA PHE A 944 14.18 35.11 -18.98
C PHE A 944 13.18 35.74 -19.93
N GLU A 945 12.42 34.88 -20.62
CA GLU A 945 11.22 35.29 -21.31
C GLU A 945 10.06 34.45 -20.77
N GLU A 946 8.95 35.11 -20.47
CA GLU A 946 7.73 34.42 -20.10
C GLU A 946 7.08 33.92 -21.40
N ILE A 947 7.01 32.61 -21.57
CA ILE A 947 6.49 32.04 -22.80
C ILE A 947 4.97 31.94 -22.72
N ALA A 948 4.46 31.39 -21.61
CA ALA A 948 3.03 31.18 -21.47
C ALA A 948 2.70 30.88 -20.00
N ARG A 949 1.44 31.12 -19.63
CA ARG A 949 1.00 30.77 -18.30
C ARG A 949 -0.40 30.20 -18.37
N ASP A 950 -0.71 29.39 -17.38
CA ASP A 950 -2.06 28.87 -17.19
C ASP A 950 -2.85 29.90 -16.40
N PHE A 951 -3.85 30.51 -17.05
CA PHE A 951 -4.57 31.62 -16.47
C PHE A 951 -5.68 31.14 -15.54
N ASN A 952 -5.91 29.83 -15.50
CA ASN A 952 -6.81 29.19 -14.53
C ASN A 952 -6.15 29.14 -13.16
N PRO A 953 -6.74 29.72 -12.10
CA PRO A 953 -6.14 29.64 -10.76
C PRO A 953 -6.16 28.19 -10.27
N ASN A 954 -5.01 27.75 -9.74
CA ASN A 954 -4.86 26.48 -9.07
C ASN A 954 -3.86 26.61 -7.93
N TRP A 955 -4.21 26.00 -6.77
CA TRP A 955 -3.34 25.99 -5.62
C TRP A 955 -2.40 24.80 -5.73
N MET A 956 -1.18 25.05 -6.21
CA MET A 956 -0.28 23.95 -6.62
C MET A 956 0.35 23.27 -5.40
N SER A 957 0.62 21.95 -5.56
CA SER A 957 1.38 21.16 -4.60
C SER A 957 2.66 20.57 -5.21
N ALA A 958 2.67 20.41 -6.55
CA ALA A 958 3.83 19.84 -7.24
C ALA A 958 3.70 20.02 -8.75
N VAL A 959 4.86 20.02 -9.43
CA VAL A 959 4.86 20.18 -10.87
C VAL A 959 5.88 19.22 -11.48
N GLU A 960 5.72 18.93 -12.77
CA GLU A 960 6.69 18.14 -13.52
C GLU A 960 6.62 18.51 -15.01
N ILE A 961 7.77 18.51 -15.68
CA ILE A 961 7.81 18.60 -17.13
C ILE A 961 7.75 17.19 -17.72
N LEU A 962 6.72 16.92 -18.53
CA LEU A 962 6.60 15.64 -19.20
C LEU A 962 7.46 15.63 -20.44
N ASP A 963 7.37 16.70 -21.24
CA ASP A 963 8.27 16.93 -22.37
C ASP A 963 8.22 18.42 -22.72
N ASP A 964 8.80 18.79 -23.85
CA ASP A 964 8.94 20.20 -24.19
C ASP A 964 7.57 20.90 -24.27
N ASP A 965 6.50 20.12 -24.44
CA ASP A 965 5.22 20.70 -24.80
C ASP A 965 4.13 20.34 -23.78
N ASN A 966 4.48 19.63 -22.70
CA ASN A 966 3.49 19.05 -21.80
C ASN A 966 3.98 19.16 -20.37
N PHE A 967 3.13 19.80 -19.54
CA PHE A 967 3.43 20.22 -18.19
C PHE A 967 2.36 19.66 -17.26
N LEU A 968 2.82 18.92 -16.26
CA LEU A 968 1.98 18.18 -15.35
C LEU A 968 1.93 18.96 -14.05
N GLY A 969 0.69 19.15 -13.55
CA GLY A 969 0.49 19.78 -12.26
C GLY A 969 -0.37 18.91 -11.34
N ALA A 970 -0.13 19.06 -10.03
CA ALA A 970 -0.97 18.51 -8.97
C ALA A 970 -1.37 19.65 -8.05
N GLU A 971 -2.63 19.67 -7.59
CA GLU A 971 -3.10 20.80 -6.78
C GLU A 971 -3.83 20.30 -5.50
N ASN A 972 -4.17 21.24 -4.62
CA ASN A 972 -4.49 20.94 -3.22
C ASN A 972 -5.81 20.20 -3.09
N ALA A 973 -6.62 20.18 -4.15
CA ALA A 973 -7.91 19.49 -4.12
C ALA A 973 -7.81 18.08 -4.72
N PHE A 974 -6.58 17.57 -4.82
CA PHE A 974 -6.31 16.18 -5.13
C PHE A 974 -6.51 15.91 -6.63
N ASN A 975 -6.32 16.95 -7.47
CA ASN A 975 -6.44 16.77 -8.92
C ASN A 975 -5.08 16.88 -9.59
N LEU A 976 -4.99 16.19 -10.75
CA LEU A 976 -3.90 16.40 -11.70
C LEU A 976 -4.43 17.18 -12.89
N PHE A 977 -3.55 17.93 -13.54
CA PHE A 977 -3.86 18.48 -14.84
C PHE A 977 -2.60 18.56 -15.67
N VAL A 978 -2.81 18.61 -17.00
CA VAL A 978 -1.75 18.77 -17.98
C VAL A 978 -2.07 20.00 -18.79
N CYS A 979 -1.05 20.88 -18.90
CA CYS A 979 -1.09 22.07 -19.71
C CYS A 979 -0.21 21.88 -20.96
N GLN A 980 -0.67 22.44 -22.09
CA GLN A 980 0.11 22.58 -23.31
C GLN A 980 0.06 24.00 -23.86
N LYS A 981 1.02 24.34 -24.71
CA LYS A 981 0.91 25.55 -25.54
C LYS A 981 -0.28 25.41 -26.48
N ASP A 982 -0.84 26.55 -26.91
CA ASP A 982 -2.07 26.58 -27.68
C ASP A 982 -1.76 26.28 -29.15
N SER A 983 -2.43 25.26 -29.68
CA SER A 983 -2.40 24.94 -31.11
C SER A 983 -3.18 26.03 -31.87
N ASP A 988 -1.35 35.04 -32.96
CA ASP A 988 -1.72 36.00 -31.87
C ASP A 988 -0.73 35.87 -30.71
N GLU A 989 -0.88 36.75 -29.70
CA GLU A 989 -0.32 36.51 -28.37
C GLU A 989 -1.40 35.91 -27.48
N GLU A 990 -2.18 35.00 -28.08
CA GLU A 990 -2.95 33.98 -27.37
C GLU A 990 -2.05 32.77 -27.11
N ARG A 991 -0.84 32.82 -27.70
CA ARG A 991 0.25 31.87 -27.42
C ARG A 991 0.69 31.97 -25.97
N GLN A 992 0.30 33.06 -25.29
CA GLN A 992 0.67 33.31 -23.92
C GLN A 992 -0.21 32.52 -22.96
N HIS A 993 -1.23 31.82 -23.51
CA HIS A 993 -2.18 31.09 -22.68
C HIS A 993 -1.91 29.59 -22.77
N LEU A 994 -1.50 28.98 -21.65
CA LEU A 994 -1.41 27.54 -21.54
C LEU A 994 -2.84 27.00 -21.47
N GLN A 995 -3.06 25.87 -22.13
CA GLN A 995 -4.36 25.24 -22.18
C GLN A 995 -4.32 24.02 -21.28
N GLU A 996 -5.30 23.90 -20.37
CA GLU A 996 -5.44 22.70 -19.57
C GLU A 996 -6.12 21.62 -20.42
N VAL A 997 -5.32 20.77 -21.05
CA VAL A 997 -5.82 19.79 -21.99
C VAL A 997 -6.07 18.44 -21.32
N GLY A 998 -5.48 18.22 -20.14
CA GLY A 998 -5.76 17.02 -19.35
C GLY A 998 -6.23 17.37 -17.95
N LEU A 999 -7.21 16.63 -17.45
CA LEU A 999 -7.80 16.87 -16.14
C LEU A 999 -8.12 15.50 -15.52
N PHE A 1000 -7.84 15.32 -14.23
CA PHE A 1000 -8.14 14.03 -13.60
C PHE A 1000 -8.17 14.18 -12.10
N HIS A 1001 -9.23 13.67 -11.45
CA HIS A 1001 -9.27 13.62 -9.99
C HIS A 1001 -8.52 12.39 -9.51
N LEU A 1002 -7.34 12.59 -8.93
CA LEU A 1002 -6.52 11.47 -8.45
C LEU A 1002 -7.01 10.96 -7.10
N GLY A 1003 -7.38 11.90 -6.22
CA GLY A 1003 -7.81 11.58 -4.88
C GLY A 1003 -6.67 11.40 -3.87
N GLU A 1004 -5.46 11.85 -4.24
CA GLU A 1004 -4.31 11.89 -3.37
C GLU A 1004 -3.70 13.28 -3.45
N PHE A 1005 -2.92 13.62 -2.42
CA PHE A 1005 -2.22 14.88 -2.34
C PHE A 1005 -0.77 14.60 -2.69
N VAL A 1006 -0.33 15.09 -3.86
CA VAL A 1006 1.00 14.84 -4.39
C VAL A 1006 2.00 15.86 -3.84
N ASN A 1007 3.03 15.36 -3.16
CA ASN A 1007 4.11 16.19 -2.66
C ASN A 1007 5.29 16.27 -3.62
N VAL A 1008 5.47 15.25 -4.45
CA VAL A 1008 6.69 15.15 -5.23
C VAL A 1008 6.45 14.36 -6.51
N PHE A 1009 6.99 14.89 -7.62
CA PHE A 1009 7.15 14.14 -8.86
C PHE A 1009 8.64 13.96 -9.14
N CYS A 1010 9.02 12.79 -9.66
N CYS A 1010 8.96 12.79 -9.72
CA CYS A 1010 10.38 12.59 -10.10
CA CYS A 1010 10.33 12.39 -10.02
C CYS A 1010 10.43 11.56 -11.23
C CYS A 1010 10.32 11.55 -11.30
N HIS A 1011 11.17 11.92 -12.27
CA HIS A 1011 11.39 11.05 -13.42
C HIS A 1011 12.13 9.80 -12.91
N GLY A 1012 11.69 8.64 -13.36
CA GLY A 1012 12.40 7.42 -13.05
C GLY A 1012 11.43 6.25 -13.03
N SER A 1013 12.00 5.07 -12.77
CA SER A 1013 11.27 3.82 -12.82
C SER A 1013 11.89 2.85 -11.82
N LEU A 1014 11.04 1.99 -11.24
CA LEU A 1014 11.49 0.91 -10.36
C LEU A 1014 11.63 -0.40 -11.14
N VAL A 1015 11.35 -0.37 -12.45
CA VAL A 1015 11.47 -1.59 -13.24
C VAL A 1015 12.81 -1.53 -13.97
N MET A 1016 13.45 -2.70 -14.08
CA MET A 1016 14.72 -2.88 -14.79
C MET A 1016 14.63 -2.28 -16.18
N GLN A 1017 15.53 -1.33 -16.50
CA GLN A 1017 15.47 -0.59 -17.75
C GLN A 1017 16.27 -1.33 -18.83
N THR A 1024 6.23 -0.16 -24.95
CA THR A 1024 5.63 -0.05 -26.30
C THR A 1024 4.45 0.91 -26.23
N PRO A 1025 3.35 0.55 -25.54
CA PRO A 1025 2.16 1.40 -25.54
C PRO A 1025 2.41 2.76 -24.87
N THR A 1026 3.33 2.81 -23.89
CA THR A 1026 3.57 4.02 -23.13
C THR A 1026 5.00 4.53 -23.33
N GLN A 1027 5.18 5.84 -23.11
CA GLN A 1027 6.47 6.52 -23.23
C GLN A 1027 6.66 7.40 -22.00
N GLY A 1028 7.83 7.32 -21.36
CA GLY A 1028 8.16 8.16 -20.22
C GLY A 1028 7.74 7.50 -18.90
N SER A 1029 8.31 7.97 -17.80
CA SER A 1029 7.99 7.42 -16.49
C SER A 1029 8.23 8.50 -15.45
N VAL A 1030 7.12 8.95 -14.81
CA VAL A 1030 7.13 9.91 -13.74
C VAL A 1030 6.47 9.28 -12.53
N LEU A 1031 7.24 9.09 -11.47
CA LEU A 1031 6.71 8.61 -10.19
C LEU A 1031 6.23 9.78 -9.34
N PHE A 1032 5.25 9.53 -8.44
CA PHE A 1032 4.86 10.55 -7.49
C PHE A 1032 4.60 9.94 -6.13
N GLY A 1033 4.82 10.77 -5.11
CA GLY A 1033 4.66 10.39 -3.72
C GLY A 1033 3.63 11.30 -3.06
N THR A 1034 2.82 10.70 -2.15
CA THR A 1034 1.65 11.37 -1.59
C THR A 1034 1.65 11.31 -0.05
N VAL A 1035 0.77 12.14 0.50
CA VAL A 1035 0.56 12.22 1.94
C VAL A 1035 0.16 10.87 2.51
N ASN A 1036 -0.63 10.07 1.77
CA ASN A 1036 -1.13 8.79 2.27
C ASN A 1036 -0.14 7.65 2.06
N GLY A 1037 1.01 7.94 1.44
CA GLY A 1037 2.07 6.97 1.27
C GLY A 1037 1.89 6.20 -0.04
N MET A 1038 0.88 6.58 -0.80
CA MET A 1038 0.64 6.06 -2.14
C MET A 1038 1.79 6.52 -3.03
N ILE A 1039 2.33 5.57 -3.84
CA ILE A 1039 3.22 5.87 -4.95
C ILE A 1039 2.50 5.59 -6.25
N GLY A 1040 2.52 6.58 -7.15
CA GLY A 1040 1.91 6.48 -8.45
C GLY A 1040 2.92 6.69 -9.58
N LEU A 1041 2.44 6.37 -10.80
CA LEU A 1041 3.19 6.53 -12.04
C LEU A 1041 2.32 7.24 -13.06
N VAL A 1042 2.92 8.22 -13.76
CA VAL A 1042 2.30 8.86 -14.90
C VAL A 1042 3.18 8.56 -16.11
N THR A 1043 2.57 8.13 -17.22
CA THR A 1043 3.27 7.89 -18.46
C THR A 1043 2.42 8.42 -19.64
N SER A 1044 3.00 8.46 -20.84
CA SER A 1044 2.32 9.10 -21.96
C SER A 1044 1.80 8.05 -22.93
N LEU A 1045 0.76 8.39 -23.67
CA LEU A 1045 0.14 7.52 -24.67
C LEU A 1045 0.04 8.25 -26.00
N SER A 1046 0.06 7.52 -27.10
CA SER A 1046 -0.33 8.07 -28.40
C SER A 1046 -1.86 8.23 -28.43
N GLU A 1047 -2.34 9.00 -29.39
CA GLU A 1047 -3.77 9.18 -29.57
C GLU A 1047 -4.47 7.83 -29.73
N SER A 1048 -3.88 6.96 -30.55
CA SER A 1048 -4.52 5.70 -30.91
C SER A 1048 -4.59 4.77 -29.70
N TRP A 1049 -3.53 4.74 -28.87
CA TRP A 1049 -3.55 3.92 -27.66
C TRP A 1049 -4.52 4.50 -26.62
N TYR A 1050 -4.52 5.84 -26.46
CA TYR A 1050 -5.48 6.49 -25.60
C TYR A 1050 -6.92 6.10 -25.98
N ASN A 1051 -7.26 6.18 -27.28
CA ASN A 1051 -8.63 5.94 -27.73
C ASN A 1051 -9.06 4.51 -27.38
N LEU A 1052 -8.15 3.55 -27.59
CA LEU A 1052 -8.44 2.16 -27.28
C LEU A 1052 -8.76 2.02 -25.79
N LEU A 1053 -7.90 2.63 -24.97
CA LEU A 1053 -7.98 2.48 -23.53
C LEU A 1053 -9.20 3.24 -23.00
N LEU A 1054 -9.54 4.38 -23.58
CA LEU A 1054 -10.73 5.12 -23.16
C LEU A 1054 -11.97 4.26 -23.43
N ASP A 1055 -12.00 3.66 -24.61
CA ASP A 1055 -13.13 2.80 -25.00
C ASP A 1055 -13.24 1.63 -24.02
N MET A 1056 -12.10 1.00 -23.67
CA MET A 1056 -12.06 -0.06 -22.66
C MET A 1056 -12.61 0.41 -21.32
N GLN A 1057 -12.16 1.59 -20.85
CA GLN A 1057 -12.69 2.14 -19.61
C GLN A 1057 -14.20 2.26 -19.65
N ASN A 1058 -14.73 2.80 -20.76
CA ASN A 1058 -16.15 3.01 -20.88
C ASN A 1058 -16.88 1.67 -20.80
N ARG A 1059 -16.33 0.63 -21.44
CA ARG A 1059 -16.95 -0.68 -21.44
C ARG A 1059 -16.84 -1.35 -20.07
N LEU A 1060 -15.69 -1.18 -19.42
CA LEU A 1060 -15.48 -1.72 -18.08
C LEU A 1060 -16.49 -1.12 -17.11
N ASN A 1061 -16.76 0.18 -17.27
CA ASN A 1061 -17.62 0.89 -16.34
C ASN A 1061 -19.08 0.45 -16.51
N LYS A 1062 -19.41 -0.19 -17.63
CA LYS A 1062 -20.77 -0.66 -17.81
C LYS A 1062 -20.96 -2.07 -17.25
N VAL A 1063 -19.88 -2.80 -17.01
CA VAL A 1063 -20.00 -4.19 -16.56
C VAL A 1063 -19.63 -4.34 -15.08
N ILE A 1064 -18.80 -3.43 -14.54
CA ILE A 1064 -18.32 -3.55 -13.17
C ILE A 1064 -19.36 -2.90 -12.25
N LYS A 1065 -19.85 -3.64 -11.25
CA LYS A 1065 -20.72 -3.07 -10.23
C LYS A 1065 -19.87 -2.30 -9.22
N SER A 1066 -20.20 -1.02 -8.96
CA SER A 1066 -19.39 -0.26 -8.01
C SER A 1066 -20.07 -0.26 -6.66
N VAL A 1067 -19.25 -0.34 -5.62
CA VAL A 1067 -19.70 -0.30 -4.24
C VAL A 1067 -20.26 1.09 -3.94
N GLY A 1068 -21.51 1.14 -3.44
CA GLY A 1068 -22.20 2.40 -3.21
C GLY A 1068 -22.74 3.02 -4.50
N LYS A 1069 -22.65 2.27 -5.60
CA LYS A 1069 -23.21 2.67 -6.89
C LYS A 1069 -22.67 4.03 -7.33
N ILE A 1070 -21.37 4.26 -7.06
CA ILE A 1070 -20.71 5.47 -7.50
C ILE A 1070 -20.23 5.26 -8.94
N GLU A 1071 -20.47 6.24 -9.81
CA GLU A 1071 -20.01 6.20 -11.19
C GLU A 1071 -18.53 6.55 -11.22
N HIS A 1072 -17.76 5.74 -11.95
CA HIS A 1072 -16.35 6.00 -12.15
C HIS A 1072 -16.12 7.43 -12.69
N SER A 1073 -16.91 7.84 -13.68
N SER A 1073 -16.91 7.84 -13.68
CA SER A 1073 -16.72 9.13 -14.32
CA SER A 1073 -16.73 9.13 -14.33
C SER A 1073 -16.91 10.27 -13.31
C SER A 1073 -16.91 10.27 -13.32
N PHE A 1074 -17.84 10.09 -12.37
CA PHE A 1074 -18.07 11.06 -11.32
C PHE A 1074 -16.84 11.16 -10.43
N TRP A 1075 -16.38 10.01 -9.91
CA TRP A 1075 -15.16 9.92 -9.10
C TRP A 1075 -13.97 10.62 -9.76
N ARG A 1076 -13.70 10.33 -11.04
CA ARG A 1076 -12.50 10.87 -11.67
C ARG A 1076 -12.68 12.29 -12.19
N SER A 1077 -13.89 12.84 -12.11
CA SER A 1077 -14.12 14.22 -12.55
C SER A 1077 -13.20 15.19 -11.81
N PHE A 1078 -12.54 16.09 -12.55
CA PHE A 1078 -11.77 17.17 -11.95
C PHE A 1078 -12.69 18.00 -11.04
N HIS A 1079 -12.28 18.26 -9.80
CA HIS A 1079 -13.19 18.89 -8.84
C HIS A 1079 -12.42 19.77 -7.86
N THR A 1080 -12.59 21.09 -8.03
CA THR A 1080 -12.10 22.11 -7.09
C THR A 1080 -13.28 23.00 -6.72
N GLU A 1081 -13.01 23.98 -5.85
CA GLU A 1081 -14.02 24.94 -5.45
C GLU A 1081 -14.49 25.79 -6.63
N ARG A 1082 -13.67 25.97 -7.68
CA ARG A 1082 -14.02 26.85 -8.78
C ARG A 1082 -14.55 26.11 -10.02
N LYS A 1083 -14.29 24.79 -10.11
CA LYS A 1083 -14.43 24.07 -11.36
C LYS A 1083 -14.72 22.58 -11.10
N THR A 1084 -15.82 22.05 -11.68
CA THR A 1084 -16.03 20.61 -11.82
C THR A 1084 -16.21 20.28 -13.29
N GLU A 1085 -15.41 19.34 -13.80
CA GLU A 1085 -15.47 18.92 -15.19
C GLU A 1085 -15.13 17.43 -15.27
N PRO A 1086 -15.61 16.72 -16.31
CA PRO A 1086 -15.21 15.34 -16.55
C PRO A 1086 -13.70 15.24 -16.73
N ALA A 1087 -13.12 14.12 -16.30
CA ALA A 1087 -11.72 13.85 -16.61
C ALA A 1087 -11.53 13.90 -18.12
N THR A 1088 -10.36 14.30 -18.54
CA THR A 1088 -10.04 14.30 -19.96
C THR A 1088 -8.53 14.12 -20.13
N GLY A 1089 -8.15 13.41 -21.22
CA GLY A 1089 -6.76 13.12 -21.52
C GLY A 1089 -6.04 12.22 -20.51
N PHE A 1090 -6.79 11.50 -19.66
CA PHE A 1090 -6.18 10.67 -18.62
C PHE A 1090 -6.89 9.33 -18.53
N ILE A 1091 -6.09 8.27 -18.65
CA ILE A 1091 -6.54 6.90 -18.49
C ILE A 1091 -6.29 6.48 -17.05
N ASP A 1092 -7.29 5.85 -16.44
CA ASP A 1092 -7.16 5.33 -15.09
C ASP A 1092 -6.61 3.90 -15.19
N GLY A 1093 -5.29 3.78 -15.04
CA GLY A 1093 -4.63 2.49 -15.19
C GLY A 1093 -5.12 1.46 -14.17
N ASP A 1094 -5.51 1.91 -12.97
CA ASP A 1094 -6.06 0.98 -11.97
C ASP A 1094 -7.32 0.32 -12.51
N LEU A 1095 -8.16 1.08 -13.21
CA LEU A 1095 -9.36 0.56 -13.83
C LEU A 1095 -8.96 -0.38 -14.98
N ILE A 1096 -8.03 0.06 -15.82
CA ILE A 1096 -7.64 -0.77 -16.96
C ILE A 1096 -7.10 -2.13 -16.47
N GLU A 1097 -6.22 -2.10 -15.48
CA GLU A 1097 -5.61 -3.32 -14.96
C GLU A 1097 -6.69 -4.28 -14.42
N SER A 1098 -7.83 -3.76 -13.96
CA SER A 1098 -8.87 -4.62 -13.37
C SER A 1098 -9.55 -5.47 -14.44
N PHE A 1099 -9.24 -5.22 -15.73
CA PHE A 1099 -9.68 -6.06 -16.82
C PHE A 1099 -9.19 -7.49 -16.64
N LEU A 1100 -8.06 -7.68 -15.95
CA LEU A 1100 -7.49 -9.01 -15.79
C LEU A 1100 -8.17 -9.76 -14.64
N ASP A 1101 -9.06 -9.09 -13.89
CA ASP A 1101 -9.66 -9.63 -12.69
C ASP A 1101 -11.16 -9.92 -12.87
N ILE A 1102 -11.74 -9.52 -14.00
CA ILE A 1102 -13.17 -9.71 -14.23
C ILE A 1102 -13.41 -11.12 -14.80
N SER A 1103 -14.69 -11.54 -14.79
CA SER A 1103 -15.08 -12.84 -15.28
C SER A 1103 -15.04 -12.89 -16.80
N ARG A 1104 -15.04 -14.09 -17.35
CA ARG A 1104 -14.97 -14.28 -18.79
C ARG A 1104 -16.21 -13.71 -19.46
N PRO A 1105 -17.44 -13.99 -18.97
CA PRO A 1105 -18.63 -13.37 -19.55
C PRO A 1105 -18.45 -11.86 -19.67
N LYS A 1106 -18.04 -11.24 -18.56
CA LYS A 1106 -17.84 -9.80 -18.51
C LYS A 1106 -16.78 -9.38 -19.52
N MET A 1107 -15.68 -10.14 -19.55
N MET A 1107 -15.69 -10.14 -19.57
CA MET A 1107 -14.57 -9.91 -20.47
CA MET A 1107 -14.59 -9.86 -20.49
C MET A 1107 -15.07 -9.94 -21.92
C MET A 1107 -15.09 -9.93 -21.93
N GLN A 1108 -15.90 -10.95 -22.25
CA GLN A 1108 -16.48 -11.07 -23.58
C GLN A 1108 -17.37 -9.85 -23.86
N GLU A 1109 -18.14 -9.41 -22.85
CA GLU A 1109 -19.00 -8.23 -23.00
C GLU A 1109 -18.18 -6.99 -23.36
N VAL A 1110 -17.04 -6.81 -22.70
CA VAL A 1110 -16.23 -5.61 -22.89
C VAL A 1110 -15.77 -5.55 -24.34
N VAL A 1111 -15.47 -6.72 -24.93
CA VAL A 1111 -14.72 -6.79 -26.18
C VAL A 1111 -15.66 -6.77 -27.40
N ALA A 1112 -16.98 -6.80 -27.19
CA ALA A 1112 -17.94 -6.92 -28.28
C ALA A 1112 -17.81 -5.78 -29.30
N ASN A 1113 -17.28 -6.12 -30.49
CA ASN A 1113 -17.20 -5.19 -31.63
C ASN A 1113 -16.27 -4.02 -31.31
N LEU A 1114 -15.44 -4.16 -30.26
CA LEU A 1114 -14.38 -3.20 -29.93
C LEU A 1114 -13.31 -3.25 -31.02
N GLN A 1115 -12.99 -2.08 -31.57
CA GLN A 1115 -11.94 -1.98 -32.59
C GLN A 1115 -10.80 -1.10 -32.07
N TYR A 1116 -9.64 -1.19 -32.74
CA TYR A 1116 -8.51 -0.33 -32.44
C TYR A 1116 -7.97 0.26 -33.73
N ASP A 1117 -7.43 1.49 -33.64
CA ASP A 1117 -6.65 2.10 -34.70
C ASP A 1117 -5.21 1.66 -34.53
N ASP A 1118 -4.53 1.39 -35.67
CA ASP A 1118 -3.26 0.69 -35.66
C ASP A 1118 -2.08 1.67 -35.64
N GLY A 1119 -2.37 2.97 -35.73
CA GLY A 1119 -1.32 3.99 -35.76
C GLY A 1119 -1.48 4.97 -36.92
N SER A 1120 -2.30 4.60 -37.91
CA SER A 1120 -2.66 5.52 -38.99
C SER A 1120 -3.84 4.95 -39.77
N GLY A 1121 -5.06 5.19 -39.27
CA GLY A 1121 -6.27 5.05 -40.05
C GLY A 1121 -6.98 3.72 -39.83
N MET A 1122 -6.30 2.61 -40.18
CA MET A 1122 -6.93 1.31 -40.33
C MET A 1122 -7.45 0.80 -38.98
N LYS A 1123 -8.75 0.43 -38.95
CA LYS A 1123 -9.40 -0.07 -37.76
C LYS A 1123 -9.53 -1.58 -37.86
N ARG A 1124 -9.22 -2.28 -36.76
CA ARG A 1124 -9.27 -3.74 -36.73
C ARG A 1124 -9.90 -4.20 -35.42
N GLU A 1125 -10.41 -5.44 -35.43
CA GLU A 1125 -11.03 -6.07 -34.29
C GLU A 1125 -10.03 -6.23 -33.15
N ALA A 1126 -10.50 -6.00 -31.92
CA ALA A 1126 -9.72 -6.22 -30.72
C ALA A 1126 -10.23 -7.48 -30.02
N THR A 1127 -9.40 -8.54 -29.97
CA THR A 1127 -9.80 -9.80 -29.37
C THR A 1127 -9.52 -9.76 -27.87
N ALA A 1128 -10.26 -10.60 -27.14
CA ALA A 1128 -10.02 -10.80 -25.72
C ALA A 1128 -8.54 -11.03 -25.45
N ASP A 1129 -7.97 -11.99 -26.20
CA ASP A 1129 -6.64 -12.49 -25.91
C ASP A 1129 -5.58 -11.43 -26.21
N ASP A 1130 -5.82 -10.60 -27.23
CA ASP A 1130 -4.91 -9.52 -27.57
C ASP A 1130 -4.97 -8.42 -26.50
N LEU A 1131 -6.18 -8.18 -25.97
CA LEU A 1131 -6.38 -7.17 -24.94
C LEU A 1131 -5.74 -7.63 -23.63
N ILE A 1132 -5.81 -8.93 -23.34
CA ILE A 1132 -5.08 -9.47 -22.19
C ILE A 1132 -3.60 -9.12 -22.32
N LYS A 1133 -3.02 -9.35 -23.50
CA LYS A 1133 -1.61 -9.08 -23.72
C LYS A 1133 -1.32 -7.59 -23.56
N VAL A 1134 -2.24 -6.74 -24.02
CA VAL A 1134 -2.09 -5.29 -23.90
C VAL A 1134 -2.00 -4.94 -22.42
N VAL A 1135 -2.94 -5.45 -21.63
CA VAL A 1135 -3.05 -5.05 -20.22
C VAL A 1135 -1.87 -5.65 -19.45
N GLU A 1136 -1.47 -6.87 -19.78
CA GLU A 1136 -0.28 -7.46 -19.22
C GLU A 1136 0.94 -6.55 -19.42
N GLU A 1137 1.15 -6.09 -20.66
CA GLU A 1137 2.25 -5.17 -20.93
C GLU A 1137 2.14 -3.96 -19.99
N LEU A 1138 0.93 -3.41 -19.86
CA LEU A 1138 0.73 -2.23 -19.05
C LEU A 1138 1.08 -2.48 -17.58
N THR A 1139 0.84 -3.69 -17.04
CA THR A 1139 1.14 -3.93 -15.63
C THR A 1139 2.66 -3.91 -15.41
N ARG A 1140 3.46 -4.14 -16.47
CA ARG A 1140 4.90 -4.25 -16.31
C ARG A 1140 5.60 -2.88 -16.21
N ILE A 1141 4.87 -1.77 -16.34
CA ILE A 1141 5.52 -0.47 -16.32
C ILE A 1141 5.78 -0.03 -14.89
N HIS A 1142 5.17 -0.74 -13.93
CA HIS A 1142 5.42 -0.49 -12.51
C HIS A 1142 5.67 -1.82 -11.80
#